data_7Y8B
#
_entry.id   7Y8B
#
_cell.length_a   53.083
_cell.length_b   118.859
_cell.length_c   82.966
_cell.angle_alpha   90.000
_cell.angle_beta   94.400
_cell.angle_gamma   90.000
#
_symmetry.space_group_name_H-M   'P 1 21 1'
#
loop_
_entity.id
_entity.type
_entity.pdbx_description
1 polymer 'Spore coat protein A'
2 non-polymer 'COPPER (II) ION'
3 non-polymer 'TRIETHYLENE GLYCOL'
4 non-polymer '3,5-dimethoxy-4-oxidanyl-benzoic acid'
5 water water
#
_entity_poly.entity_id   1
_entity_poly.type   'polypeptide(L)'
_entity_poly.pdbx_seq_one_letter_code
;MTLEKFVDALPIPDTLKPVQQSKEKTYYEVTMEECTHQLHRDLPPTRLWGYNGLFPGPTIEVKRNENVYVKWMNNLPSTH
FLPIDHTIHHSDSQHEEPEVKTVVHLHGGVTPDDSDGYPEAWFSKDFEQTGPYFKREVYHYPNQQRGAILWYHDHAMALT
RLNVYAGLVGAYIIHDPKEKRLKLPSDEYDVPLLITDRTINEDGSLFYPSAPENPSPSLPNPSIVPAFCGETILVNGKVW
PYLEVEPRKYRFRVINASNTRTYNLSLDNGGDFIQIGSDGGLLPRSVKLNSFSLAPAERYDIIIDFTAYEGESIILANSA
GCGGDVNPETDANIMQFRVTKPLAQKDESRKPKYLASYPSVQHERIQNIRTLKLAGTQDEYGRPVLLLNNKRWHDPVTET
PKVGTTEIWSIINPTRGTHPIHLHLVSFRVLDRRPFDIARYQESGELSYTGPAVPPPPSEKGWKDTIQAHAGEVLRIAAT
FGPYSGRYVWHCHILEHEDYDMMRPMDITDPHK
;
_entity_poly.pdbx_strand_id   A,B
#
# COMPACT_ATOMS: atom_id res chain seq x y z
N THR A 2 -25.23 24.72 -30.32
CA THR A 2 -24.76 23.35 -30.03
C THR A 2 -24.10 22.71 -31.26
N LEU A 3 -23.28 21.70 -31.06
CA LEU A 3 -22.50 21.16 -32.17
C LEU A 3 -23.40 20.51 -33.22
N GLU A 4 -23.06 20.73 -34.50
CA GLU A 4 -23.85 20.17 -35.58
C GLU A 4 -23.73 18.65 -35.57
N LYS A 5 -24.88 17.98 -35.59
CA LYS A 5 -24.93 16.54 -35.44
C LYS A 5 -24.57 15.84 -36.75
N PHE A 6 -23.91 14.70 -36.62
CA PHE A 6 -23.77 13.78 -37.74
C PHE A 6 -22.91 14.37 -38.86
N VAL A 7 -21.79 14.97 -38.52
CA VAL A 7 -20.86 15.47 -39.53
C VAL A 7 -19.50 14.80 -39.46
N ASP A 8 -19.27 13.89 -38.51
CA ASP A 8 -18.01 13.17 -38.37
C ASP A 8 -18.27 11.67 -38.48
N ALA A 9 -17.41 10.98 -39.24
CA ALA A 9 -17.57 9.54 -39.37
C ALA A 9 -17.20 8.86 -38.06
N LEU A 10 -17.96 7.82 -37.71
CA LEU A 10 -17.70 6.99 -36.53
C LEU A 10 -16.32 6.34 -36.60
N PRO A 11 -15.42 6.65 -35.68
CA PRO A 11 -14.13 5.94 -35.68
C PRO A 11 -14.32 4.49 -35.26
N ILE A 12 -13.48 3.62 -35.82
CA ILE A 12 -13.41 2.22 -35.39
C ILE A 12 -12.04 2.05 -34.74
N PRO A 13 -11.94 1.88 -33.43
CA PRO A 13 -10.61 1.73 -32.82
C PRO A 13 -9.90 0.52 -33.43
N ASP A 14 -8.64 0.71 -33.73
CA ASP A 14 -7.82 -0.39 -34.19
C ASP A 14 -7.66 -1.43 -33.09
N THR A 15 -7.52 -2.67 -33.51
CA THR A 15 -7.28 -3.76 -32.58
C THR A 15 -5.82 -3.81 -32.13
N LEU A 16 -5.60 -3.90 -30.82
CA LEU A 16 -4.25 -3.88 -30.28
C LEU A 16 -3.42 -5.04 -30.81
N LYS A 17 -2.19 -4.76 -31.17
CA LYS A 17 -1.35 -5.87 -31.56
C LYS A 17 -0.43 -6.28 -30.41
N PRO A 18 -0.25 -7.58 -30.16
CA PRO A 18 0.57 -8.00 -29.02
C PRO A 18 2.03 -7.64 -29.17
N VAL A 19 2.68 -7.42 -28.04
CA VAL A 19 4.14 -7.34 -28.05
C VAL A 19 4.76 -8.72 -28.32
N GLN A 20 4.17 -9.77 -27.77
CA GLN A 20 4.69 -11.11 -28.02
C GLN A 20 3.53 -12.09 -27.98
N GLN A 21 3.56 -13.08 -28.88
CA GLN A 21 2.50 -14.07 -28.92
C GLN A 21 3.05 -15.44 -29.34
N SER A 22 2.85 -16.44 -28.49
CA SER A 22 3.13 -17.84 -28.81
C SER A 22 1.83 -18.64 -28.78
N LYS A 23 1.93 -19.96 -28.97
CA LYS A 23 0.70 -20.72 -28.90
C LYS A 23 0.19 -20.88 -27.48
N GLU A 24 0.95 -20.55 -26.46
CA GLU A 24 0.46 -20.66 -25.09
C GLU A 24 0.51 -19.38 -24.27
N LYS A 25 0.93 -18.24 -24.85
CA LYS A 25 0.89 -17.00 -24.07
C LYS A 25 0.92 -15.82 -25.01
N THR A 26 0.07 -14.82 -24.72
CA THR A 26 0.02 -13.54 -25.42
C THR A 26 0.34 -12.40 -24.45
N TYR A 27 1.27 -11.53 -24.84
CA TYR A 27 1.75 -10.45 -23.99
C TYR A 27 1.46 -9.12 -24.67
N TYR A 28 0.82 -8.19 -23.94
CA TYR A 28 0.51 -6.85 -24.41
C TYR A 28 1.11 -5.80 -23.49
N GLU A 29 1.43 -4.63 -24.05
CA GLU A 29 1.79 -3.45 -23.25
C GLU A 29 0.87 -2.29 -23.63
N VAL A 30 0.36 -1.57 -22.62
CA VAL A 30 -0.56 -0.45 -22.83
C VAL A 30 -0.12 0.69 -21.89
N THR A 31 0.15 1.86 -22.45
CA THR A 31 0.59 3.01 -21.65
C THR A 31 -0.51 4.06 -21.63
N MET A 32 -0.81 4.59 -20.44
CA MET A 32 -1.73 5.72 -20.35
C MET A 32 -0.95 7.00 -20.60
N GLU A 33 -1.39 7.78 -21.59
CA GLU A 33 -0.72 8.99 -22.03
C GLU A 33 -1.72 10.13 -22.10
N GLU A 34 -1.26 11.32 -21.73
CA GLU A 34 -2.02 12.52 -22.07
C GLU A 34 -1.87 12.81 -23.56
N CYS A 35 -2.96 13.14 -24.22
CA CYS A 35 -2.98 13.24 -25.66
C CYS A 35 -3.97 14.31 -26.06
N THR A 36 -4.06 14.60 -27.35
CA THR A 36 -5.08 15.52 -27.84
C THR A 36 -5.79 14.92 -29.03
N HIS A 37 -7.12 15.03 -29.03
CA HIS A 37 -7.91 14.51 -30.13
C HIS A 37 -9.03 15.50 -30.42
N GLN A 38 -9.31 15.71 -31.69
CA GLN A 38 -10.48 16.49 -32.07
C GLN A 38 -11.73 15.62 -31.89
N LEU A 39 -12.66 16.07 -31.06
CA LEU A 39 -13.88 15.31 -30.79
C LEU A 39 -15.02 15.63 -31.77
N HIS A 40 -14.88 16.70 -32.55
CA HIS A 40 -15.90 17.12 -33.49
C HIS A 40 -15.24 17.99 -34.55
N ARG A 41 -15.81 17.99 -35.76
CA ARG A 41 -15.26 18.77 -36.87
C ARG A 41 -15.00 20.21 -36.48
N ASP A 42 -15.89 20.81 -35.69
CA ASP A 42 -15.86 22.24 -35.43
C ASP A 42 -15.17 22.60 -34.13
N LEU A 43 -14.45 21.66 -33.52
CA LEU A 43 -13.76 21.94 -32.27
C LEU A 43 -12.24 21.88 -32.44
N PRO A 44 -11.50 22.68 -31.68
CA PRO A 44 -10.06 22.45 -31.54
C PRO A 44 -9.80 21.16 -30.77
N PRO A 45 -8.62 20.59 -30.89
CA PRO A 45 -8.36 19.30 -30.22
C PRO A 45 -8.51 19.40 -28.71
N THR A 46 -9.03 18.32 -28.11
CA THR A 46 -9.31 18.23 -26.67
C THR A 46 -8.17 17.49 -25.95
N ARG A 47 -7.72 18.05 -24.83
CA ARG A 47 -6.78 17.35 -23.96
C ARG A 47 -7.48 16.17 -23.26
N LEU A 48 -6.91 14.97 -23.41
CA LEU A 48 -7.50 13.76 -22.86
C LEU A 48 -6.42 12.88 -22.26
N TRP A 49 -6.84 11.88 -21.46
CA TRP A 49 -5.96 10.79 -21.04
C TRP A 49 -6.44 9.51 -21.71
N GLY A 50 -5.59 8.90 -22.51
CA GLY A 50 -6.01 7.74 -23.30
C GLY A 50 -5.04 6.58 -23.17
N TYR A 51 -5.60 5.36 -23.20
CA TYR A 51 -4.77 4.16 -23.30
C TYR A 51 -4.02 4.17 -24.63
N ASN A 52 -2.69 4.11 -24.57
CA ASN A 52 -1.84 4.25 -25.76
C ASN A 52 -2.08 5.59 -26.47
N GLY A 53 -2.52 6.60 -25.72
CA GLY A 53 -2.78 7.91 -26.29
C GLY A 53 -3.98 7.97 -27.22
N LEU A 54 -4.92 7.05 -27.07
CA LEU A 54 -6.09 6.96 -27.92
C LEU A 54 -7.36 7.09 -27.08
N PHE A 55 -8.43 7.60 -27.68
CA PHE A 55 -9.73 7.70 -27.02
C PHE A 55 -10.85 7.30 -27.96
N PRO A 56 -11.55 6.18 -27.70
CA PRO A 56 -11.29 5.20 -26.63
C PRO A 56 -9.97 4.49 -26.87
N GLY A 57 -9.46 3.71 -25.91
CA GLY A 57 -8.25 2.95 -26.14
C GLY A 57 -8.48 1.88 -27.19
N PRO A 58 -7.40 1.19 -27.59
CA PRO A 58 -7.52 0.15 -28.62
C PRO A 58 -8.37 -1.02 -28.17
N THR A 59 -9.14 -1.57 -29.10
CA THR A 59 -9.93 -2.77 -28.84
C THR A 59 -8.97 -3.94 -28.69
N ILE A 60 -9.16 -4.72 -27.63
CA ILE A 60 -8.35 -5.91 -27.39
C ILE A 60 -9.19 -7.12 -27.74
N GLU A 61 -8.70 -7.97 -28.63
CA GLU A 61 -9.42 -9.17 -29.04
C GLU A 61 -8.64 -10.42 -28.63
N VAL A 62 -9.33 -11.34 -27.97
CA VAL A 62 -8.76 -12.58 -27.48
C VAL A 62 -9.74 -13.71 -27.71
N LYS A 63 -9.22 -14.92 -27.64
CA LYS A 63 -9.99 -16.15 -27.75
C LYS A 63 -10.26 -16.71 -26.36
N ARG A 64 -11.41 -17.35 -26.19
CA ARG A 64 -11.69 -18.04 -24.94
C ARG A 64 -10.50 -18.94 -24.60
N ASN A 65 -10.05 -18.85 -23.36
CA ASN A 65 -8.93 -19.62 -22.82
C ASN A 65 -7.57 -19.13 -23.30
N GLU A 66 -7.52 -18.08 -24.11
CA GLU A 66 -6.23 -17.52 -24.47
C GLU A 66 -5.55 -16.96 -23.20
N ASN A 67 -4.28 -17.31 -23.02
CA ASN A 67 -3.51 -16.96 -21.82
C ASN A 67 -2.85 -15.58 -21.98
N VAL A 68 -3.48 -14.54 -21.44
CA VAL A 68 -3.13 -13.15 -21.79
C VAL A 68 -2.48 -12.43 -20.61
N TYR A 69 -1.46 -11.63 -20.91
CA TYR A 69 -0.77 -10.83 -19.91
C TYR A 69 -0.75 -9.40 -20.45
N VAL A 70 -1.09 -8.42 -19.60
CA VAL A 70 -1.10 -7.01 -19.99
C VAL A 70 -0.35 -6.20 -18.95
N LYS A 71 0.72 -5.53 -19.39
CA LYS A 71 1.41 -4.58 -18.54
C LYS A 71 0.78 -3.20 -18.80
N TRP A 72 -0.05 -2.74 -17.86
CA TRP A 72 -0.63 -1.40 -17.93
C TRP A 72 0.32 -0.42 -17.26
N MET A 73 0.65 0.68 -17.95
CA MET A 73 1.66 1.60 -17.47
C MET A 73 1.13 3.03 -17.43
N ASN A 74 1.60 3.78 -16.43
CA ASN A 74 1.21 5.17 -16.22
C ASN A 74 2.32 6.05 -16.78
N ASN A 75 2.02 6.74 -17.89
CA ASN A 75 2.87 7.76 -18.47
C ASN A 75 2.23 9.15 -18.39
N LEU A 76 1.32 9.37 -17.44
CA LEU A 76 0.50 10.58 -17.29
C LEU A 76 1.25 11.64 -16.51
N PRO A 77 0.77 12.89 -16.57
CA PRO A 77 1.34 13.96 -15.74
C PRO A 77 1.17 13.66 -14.26
N SER A 78 1.88 14.42 -13.45
CA SER A 78 1.83 14.25 -12.02
C SER A 78 0.66 14.99 -11.36
N THR A 79 -0.06 15.85 -12.09
CA THR A 79 -1.25 16.50 -11.57
C THR A 79 -2.42 16.30 -12.52
N HIS A 80 -3.63 16.31 -11.96
CA HIS A 80 -4.84 16.10 -12.75
C HIS A 80 -5.26 17.39 -13.46
N PHE A 81 -5.95 17.27 -14.59
CA PHE A 81 -6.55 18.45 -15.21
C PHE A 81 -8.03 18.60 -14.87
N LEU A 82 -8.62 17.62 -14.20
CA LEU A 82 -9.99 17.72 -13.75
C LEU A 82 -10.02 17.99 -12.25
N PRO A 83 -11.17 18.43 -11.72
CA PRO A 83 -11.22 18.92 -10.32
C PRO A 83 -11.24 17.79 -9.30
N ILE A 84 -10.31 17.84 -8.35
CA ILE A 84 -10.13 16.77 -7.36
C ILE A 84 -10.70 17.21 -6.03
N ASP A 85 -11.55 16.37 -5.43
CA ASP A 85 -12.12 16.65 -4.13
C ASP A 85 -11.34 15.88 -3.08
N HIS A 86 -10.63 16.61 -2.22
CA HIS A 86 -9.71 16.01 -1.25
C HIS A 86 -10.41 15.52 0.01
N THR A 87 -11.73 15.67 0.14
CA THR A 87 -12.44 15.35 1.37
C THR A 87 -13.14 13.99 1.34
N ILE A 88 -13.22 13.30 0.21
CA ILE A 88 -13.96 12.06 0.18
C ILE A 88 -13.14 10.85 0.60
N HIS A 89 -11.82 10.96 0.61
CA HIS A 89 -10.94 9.92 1.17
C HIS A 89 -11.45 9.45 2.53
N GLU A 97 0.96 11.69 -0.72
CA GLU A 97 0.39 10.73 -1.67
C GLU A 97 0.12 11.39 -3.02
N PRO A 98 0.52 10.72 -4.09
CA PRO A 98 0.47 11.35 -5.41
C PRO A 98 -0.96 11.69 -5.83
N GLU A 99 -1.06 12.78 -6.60
CA GLU A 99 -2.38 13.25 -7.02
C GLU A 99 -2.98 12.36 -8.10
N VAL A 100 -2.15 11.84 -8.99
CA VAL A 100 -2.62 11.02 -10.11
C VAL A 100 -2.30 9.57 -9.79
N LYS A 101 -3.34 8.78 -9.57
CA LYS A 101 -3.22 7.34 -9.30
C LYS A 101 -4.08 6.61 -10.32
N THR A 102 -3.56 5.48 -10.84
CA THR A 102 -4.26 4.70 -11.84
C THR A 102 -4.20 3.22 -11.50
N VAL A 103 -5.20 2.47 -11.98
CA VAL A 103 -5.22 1.00 -11.97
C VAL A 103 -6.28 0.57 -12.97
N VAL A 104 -6.02 -0.52 -13.71
CA VAL A 104 -6.93 -0.94 -14.78
C VAL A 104 -7.78 -2.12 -14.31
N HIS A 105 -9.10 -1.96 -14.43
CA HIS A 105 -10.04 -3.04 -14.16
C HIS A 105 -10.57 -3.57 -15.48
N LEU A 106 -10.45 -4.90 -15.69
CA LEU A 106 -11.06 -5.54 -16.85
C LEU A 106 -12.49 -5.90 -16.47
N HIS A 107 -13.44 -5.06 -16.89
CA HIS A 107 -14.83 -5.18 -16.43
C HIS A 107 -15.46 -6.44 -17.03
N GLY A 108 -15.80 -7.38 -16.17
CA GLY A 108 -16.37 -8.63 -16.63
C GLY A 108 -15.38 -9.76 -16.71
N GLY A 109 -14.10 -9.49 -16.49
CA GLY A 109 -13.10 -10.54 -16.54
C GLY A 109 -13.28 -11.54 -15.42
N VAL A 110 -13.10 -12.82 -15.76
CA VAL A 110 -12.88 -13.87 -14.78
C VAL A 110 -11.37 -13.87 -14.51
N THR A 111 -10.97 -13.17 -13.43
CA THR A 111 -9.61 -12.69 -13.25
C THR A 111 -9.14 -13.01 -11.84
N PRO A 112 -7.90 -13.47 -11.67
CA PRO A 112 -7.36 -13.62 -10.31
C PRO A 112 -7.39 -12.28 -9.61
N ASP A 113 -7.44 -12.32 -8.27
CA ASP A 113 -7.71 -11.07 -7.55
C ASP A 113 -6.57 -10.07 -7.67
N ASP A 114 -5.33 -10.53 -7.79
CA ASP A 114 -4.24 -9.56 -7.89
C ASP A 114 -4.10 -8.95 -9.29
N SER A 115 -4.91 -9.36 -10.26
CA SER A 115 -4.96 -8.72 -11.58
C SER A 115 -6.33 -8.10 -11.86
N ASP A 116 -7.21 -8.02 -10.88
CA ASP A 116 -8.55 -7.50 -11.12
C ASP A 116 -8.63 -5.98 -11.13
N GLY A 117 -7.56 -5.28 -10.76
CA GLY A 117 -7.60 -3.84 -10.67
C GLY A 117 -8.29 -3.36 -9.40
N TYR A 118 -7.87 -3.90 -8.26
CA TYR A 118 -8.40 -3.49 -6.97
C TYR A 118 -8.14 -1.99 -6.76
N PRO A 119 -9.12 -1.25 -6.23
CA PRO A 119 -8.98 0.23 -6.19
C PRO A 119 -7.78 0.72 -5.41
N GLU A 120 -7.29 -0.05 -4.43
CA GLU A 120 -6.12 0.33 -3.65
C GLU A 120 -4.85 -0.34 -4.17
N ALA A 121 -4.91 -0.94 -5.36
CA ALA A 121 -3.72 -1.43 -6.04
C ALA A 121 -3.20 -0.42 -7.05
N TRP A 122 -3.46 0.87 -6.84
CA TRP A 122 -3.10 1.91 -7.78
C TRP A 122 -1.59 2.13 -7.83
N PHE A 123 -1.15 2.82 -8.88
CA PHE A 123 0.25 3.21 -9.06
C PHE A 123 0.29 4.59 -9.70
N SER A 124 1.36 5.33 -9.40
CA SER A 124 1.58 6.61 -10.05
C SER A 124 2.53 6.40 -11.24
N LYS A 125 2.99 7.52 -11.79
CA LYS A 125 3.85 7.55 -12.96
C LYS A 125 5.04 6.61 -12.78
N ASP A 126 5.20 5.70 -13.75
CA ASP A 126 6.33 4.76 -13.81
C ASP A 126 6.40 3.85 -12.58
N PHE A 127 5.24 3.58 -11.97
CA PHE A 127 5.14 2.80 -10.72
C PHE A 127 5.97 3.37 -9.59
N GLU A 128 6.31 4.66 -9.65
CA GLU A 128 7.12 5.27 -8.60
C GLU A 128 6.49 5.08 -7.21
N GLN A 129 5.20 5.38 -7.08
CA GLN A 129 4.50 5.13 -5.82
C GLN A 129 3.27 4.28 -6.07
N THR A 130 2.93 3.44 -5.11
CA THR A 130 1.86 2.46 -5.31
C THR A 130 1.02 2.33 -4.05
N GLY A 131 -0.22 1.87 -4.25
CA GLY A 131 -1.16 1.72 -3.16
C GLY A 131 -0.86 0.51 -2.28
N PRO A 132 -1.59 0.41 -1.16
CA PRO A 132 -1.30 -0.68 -0.20
C PRO A 132 -1.52 -2.09 -0.75
N TYR A 133 -2.39 -2.27 -1.75
CA TYR A 133 -2.67 -3.60 -2.29
C TYR A 133 -1.93 -3.85 -3.61
N PHE A 134 -1.06 -2.93 -4.01
CA PHE A 134 -0.26 -3.14 -5.22
C PHE A 134 0.61 -4.36 -5.05
N LYS A 135 0.59 -5.23 -6.05
CA LYS A 135 1.45 -6.41 -6.05
C LYS A 135 2.14 -6.69 -7.38
N ARG A 136 1.59 -6.35 -8.54
CA ARG A 136 2.22 -6.80 -9.78
C ARG A 136 2.02 -5.79 -10.89
N GLU A 137 3.03 -5.66 -11.75
CA GLU A 137 2.99 -4.72 -12.87
C GLU A 137 2.31 -5.32 -14.09
N VAL A 138 2.51 -6.61 -14.32
CA VAL A 138 1.89 -7.31 -15.44
C VAL A 138 0.68 -8.04 -14.92
N TYR A 139 -0.50 -7.74 -15.46
CA TYR A 139 -1.74 -8.42 -15.10
C TYR A 139 -1.93 -9.68 -15.95
N HIS A 140 -2.65 -10.65 -15.37
CA HIS A 140 -2.87 -11.96 -15.98
C HIS A 140 -4.36 -12.19 -16.22
N TYR A 141 -4.74 -12.34 -17.49
CA TYR A 141 -6.11 -12.65 -17.84
C TYR A 141 -6.19 -14.05 -18.48
N PRO A 142 -6.55 -15.09 -17.72
CA PRO A 142 -6.70 -16.43 -18.34
C PRO A 142 -7.86 -16.55 -19.33
N ASN A 143 -8.87 -15.66 -19.29
CA ASN A 143 -9.98 -15.70 -20.26
C ASN A 143 -10.71 -17.05 -20.29
N GLN A 144 -10.83 -17.69 -19.15
CA GLN A 144 -11.51 -18.99 -19.11
C GLN A 144 -12.99 -18.75 -18.80
N GLN A 145 -13.74 -18.31 -19.83
CA GLN A 145 -15.11 -17.82 -19.64
C GLN A 145 -15.81 -17.74 -20.99
N ARG A 146 -17.14 -17.61 -20.96
CA ARG A 146 -17.90 -17.53 -22.19
C ARG A 146 -17.46 -16.33 -23.02
N GLY A 147 -17.58 -16.46 -24.34
CA GLY A 147 -17.39 -15.31 -25.20
C GLY A 147 -18.34 -14.19 -24.84
N ALA A 148 -17.86 -12.94 -24.97
CA ALA A 148 -18.65 -11.83 -24.45
C ALA A 148 -17.96 -10.50 -24.76
N ILE A 149 -18.71 -9.41 -24.58
CA ILE A 149 -18.17 -8.04 -24.63
C ILE A 149 -17.72 -7.64 -23.24
N LEU A 150 -16.42 -7.49 -23.06
CA LEU A 150 -15.88 -6.86 -21.87
C LEU A 150 -15.41 -5.45 -22.24
N TRP A 151 -14.95 -4.73 -21.23
CA TRP A 151 -14.31 -3.44 -21.45
C TRP A 151 -13.42 -3.18 -20.26
N TYR A 152 -12.40 -2.34 -20.48
CA TYR A 152 -11.42 -2.03 -19.45
C TYR A 152 -11.43 -0.53 -19.16
N HIS A 153 -11.16 -0.16 -17.92
CA HIS A 153 -11.27 1.24 -17.54
C HIS A 153 -10.56 1.47 -16.21
N ASP A 154 -10.25 2.73 -15.93
CA ASP A 154 -9.55 3.02 -14.71
C ASP A 154 -10.41 2.71 -13.50
N HIS A 155 -9.75 2.38 -12.39
CA HIS A 155 -10.52 2.04 -11.19
C HIS A 155 -9.89 2.59 -9.89
N ALA A 156 -9.10 3.67 -9.96
CA ALA A 156 -8.34 4.10 -8.79
C ALA A 156 -9.26 4.69 -7.71
N MET A 157 -8.97 4.33 -6.45
CA MET A 157 -9.64 4.85 -5.26
C MET A 157 -9.88 6.35 -5.35
N ALA A 158 -11.14 6.74 -5.18
CA ALA A 158 -11.59 8.13 -5.04
C ALA A 158 -11.36 8.97 -6.29
N LEU A 159 -10.96 8.35 -7.41
CA LEU A 159 -10.63 9.05 -8.64
C LEU A 159 -11.28 8.43 -9.86
N THR A 160 -11.99 7.31 -9.70
CA THR A 160 -12.51 6.60 -10.87
C THR A 160 -13.39 7.50 -11.74
N ARG A 161 -14.23 8.32 -11.12
CA ARG A 161 -15.10 9.17 -11.94
C ARG A 161 -14.29 10.15 -12.80
N LEU A 162 -13.14 10.60 -12.30
CA LEU A 162 -12.35 11.61 -13.02
C LEU A 162 -11.49 10.95 -14.09
N ASN A 163 -10.86 9.80 -13.74
CA ASN A 163 -9.96 9.13 -14.67
C ASN A 163 -10.72 8.53 -15.85
N VAL A 164 -11.92 8.01 -15.61
CA VAL A 164 -12.73 7.50 -16.72
C VAL A 164 -13.24 8.65 -17.57
N TYR A 165 -13.72 9.72 -16.94
CA TYR A 165 -14.16 10.88 -17.70
C TYR A 165 -13.03 11.48 -18.54
N ALA A 166 -11.79 11.44 -18.01
CA ALA A 166 -10.64 11.92 -18.75
C ALA A 166 -10.43 11.17 -20.07
N GLY A 167 -10.94 9.93 -20.17
CA GLY A 167 -10.90 9.18 -21.42
C GLY A 167 -10.37 7.75 -21.28
N LEU A 168 -10.16 7.29 -20.05
CA LEU A 168 -9.51 6.00 -19.83
C LEU A 168 -10.53 4.86 -19.90
N VAL A 169 -10.90 4.49 -21.14
CA VAL A 169 -11.86 3.41 -21.38
C VAL A 169 -11.51 2.73 -22.71
N GLY A 170 -11.84 1.44 -22.83
CA GLY A 170 -11.73 0.75 -24.11
C GLY A 170 -12.39 -0.62 -24.08
N ALA A 171 -12.53 -1.23 -25.28
CA ALA A 171 -13.25 -2.49 -25.45
C ALA A 171 -12.32 -3.71 -25.38
N TYR A 172 -12.89 -4.84 -24.97
CA TYR A 172 -12.13 -6.09 -24.84
C TYR A 172 -13.10 -7.22 -25.14
N ILE A 173 -12.86 -7.94 -26.24
CA ILE A 173 -13.80 -8.91 -26.77
C ILE A 173 -13.21 -10.31 -26.62
N ILE A 174 -13.99 -11.21 -26.01
CA ILE A 174 -13.66 -12.62 -25.93
C ILE A 174 -14.42 -13.36 -27.02
N HIS A 175 -13.69 -13.91 -27.99
CA HIS A 175 -14.25 -14.75 -29.04
C HIS A 175 -14.16 -16.21 -28.64
N ASP A 176 -15.30 -16.91 -28.66
CA ASP A 176 -15.33 -18.35 -28.43
C ASP A 176 -15.44 -19.08 -29.76
N PRO A 177 -14.42 -19.82 -30.20
CA PRO A 177 -14.49 -20.47 -31.52
C PRO A 177 -15.72 -21.34 -31.70
N LYS A 178 -16.28 -21.87 -30.61
CA LYS A 178 -17.45 -22.74 -30.71
C LYS A 178 -18.72 -22.00 -31.10
N GLU A 179 -18.70 -20.66 -31.12
CA GLU A 179 -19.87 -19.89 -31.55
C GLU A 179 -19.83 -19.54 -33.03
N LYS A 180 -18.70 -19.77 -33.70
CA LYS A 180 -18.59 -19.46 -35.12
C LYS A 180 -19.67 -20.16 -35.94
N ARG A 181 -20.11 -21.35 -35.53
CA ARG A 181 -21.11 -22.07 -36.30
C ARG A 181 -22.44 -21.32 -36.35
N LEU A 182 -22.67 -20.39 -35.43
CA LEU A 182 -23.89 -19.59 -35.52
C LEU A 182 -23.84 -18.62 -36.70
N LYS A 183 -22.66 -18.33 -37.24
CA LYS A 183 -22.52 -17.46 -38.40
C LYS A 183 -23.12 -16.06 -38.20
N LEU A 184 -23.00 -15.54 -36.97
CA LEU A 184 -23.38 -14.14 -36.71
C LEU A 184 -22.43 -13.20 -37.46
N PRO A 185 -22.89 -11.99 -37.80
CA PRO A 185 -22.02 -11.06 -38.54
C PRO A 185 -20.68 -10.92 -37.85
N SER A 186 -19.60 -10.95 -38.64
CA SER A 186 -18.25 -10.91 -38.10
C SER A 186 -17.40 -9.94 -38.92
N ASP A 187 -16.14 -9.81 -38.52
CA ASP A 187 -15.11 -9.03 -39.22
C ASP A 187 -15.57 -7.57 -39.36
N GLU A 188 -15.51 -6.99 -40.55
CA GLU A 188 -15.87 -5.58 -40.74
C GLU A 188 -17.30 -5.29 -40.32
N TYR A 189 -18.13 -6.32 -40.21
CA TYR A 189 -19.54 -6.12 -39.90
C TYR A 189 -19.83 -6.37 -38.43
N ASP A 190 -18.79 -6.39 -37.59
CA ASP A 190 -18.91 -6.54 -36.15
C ASP A 190 -18.22 -5.32 -35.52
N VAL A 191 -19.00 -4.38 -34.98
CA VAL A 191 -18.51 -3.04 -34.66
C VAL A 191 -18.79 -2.68 -33.21
N PRO A 192 -17.77 -2.40 -32.39
CA PRO A 192 -18.04 -1.87 -31.04
C PRO A 192 -18.54 -0.43 -31.10
N LEU A 193 -19.47 -0.12 -30.19
CA LEU A 193 -20.03 1.21 -30.01
C LEU A 193 -19.88 1.57 -28.53
N LEU A 194 -18.84 2.36 -28.20
CA LEU A 194 -18.58 2.84 -26.84
C LEU A 194 -19.19 4.22 -26.68
N ILE A 195 -20.24 4.33 -25.86
CA ILE A 195 -21.03 5.55 -25.74
C ILE A 195 -20.62 6.30 -24.47
N THR A 196 -20.23 7.56 -24.63
CA THR A 196 -19.79 8.40 -23.50
C THR A 196 -20.38 9.79 -23.65
N ASP A 197 -21.10 10.25 -22.62
CA ASP A 197 -21.60 11.63 -22.68
C ASP A 197 -20.58 12.58 -22.06
N ARG A 198 -20.45 13.76 -22.67
CA ARG A 198 -19.43 14.72 -22.26
C ARG A 198 -20.00 16.12 -22.30
N THR A 199 -19.40 16.99 -21.51
CA THR A 199 -19.63 18.43 -21.65
C THR A 199 -18.32 19.07 -22.07
N ILE A 200 -18.37 19.83 -23.15
CA ILE A 200 -17.18 20.33 -23.84
C ILE A 200 -17.30 21.83 -23.99
N ASN A 201 -16.27 22.56 -23.57
CA ASN A 201 -16.25 24.01 -23.63
C ASN A 201 -16.03 24.48 -25.08
N GLU A 202 -16.25 25.78 -25.31
CA GLU A 202 -16.12 26.31 -26.67
C GLU A 202 -14.70 26.11 -27.21
N ASP A 203 -13.69 26.23 -26.37
CA ASP A 203 -12.32 26.02 -26.81
C ASP A 203 -11.95 24.53 -26.91
N GLY A 204 -12.92 23.63 -26.74
CA GLY A 204 -12.70 22.22 -26.86
C GLY A 204 -12.22 21.52 -25.60
N SER A 205 -11.94 22.24 -24.52
CA SER A 205 -11.51 21.55 -23.31
C SER A 205 -12.70 20.83 -22.65
N LEU A 206 -12.41 19.71 -21.99
CA LEU A 206 -13.45 19.01 -21.25
C LEU A 206 -13.90 19.84 -20.05
N PHE A 207 -15.21 19.85 -19.80
CA PHE A 207 -15.77 20.40 -18.58
C PHE A 207 -16.25 19.29 -17.67
N TYR A 208 -15.84 19.34 -16.40
CA TYR A 208 -16.41 18.46 -15.38
C TYR A 208 -16.65 19.36 -14.18
N PRO A 209 -17.83 19.30 -13.55
CA PRO A 209 -18.18 20.29 -12.53
C PRO A 209 -17.33 20.14 -11.27
N SER A 210 -17.00 21.27 -10.65
CA SER A 210 -16.24 21.26 -9.42
C SER A 210 -17.12 21.51 -8.21
N ALA A 211 -18.44 21.60 -8.38
CA ALA A 211 -19.34 21.84 -7.27
C ALA A 211 -20.74 21.38 -7.64
N PRO A 212 -21.54 20.93 -6.68
CA PRO A 212 -22.95 20.65 -6.94
C PRO A 212 -23.82 21.88 -6.79
N GLU A 213 -25.13 21.74 -6.96
CA GLU A 213 -26.06 22.82 -6.65
C GLU A 213 -26.48 22.79 -5.18
N SER A 218 -19.85 26.72 2.81
CA SER A 218 -19.66 25.49 3.58
C SER A 218 -18.95 24.36 2.81
N LEU A 219 -19.41 24.10 1.58
CA LEU A 219 -18.93 22.93 0.83
C LEU A 219 -17.43 23.05 0.56
N PRO A 220 -16.68 21.95 0.61
CA PRO A 220 -15.30 22.01 0.13
C PRO A 220 -15.28 22.40 -1.35
N ASN A 221 -14.14 22.93 -1.78
CA ASN A 221 -13.97 23.38 -3.17
C ASN A 221 -12.63 22.86 -3.68
N PRO A 222 -12.63 21.98 -4.67
CA PRO A 222 -13.80 21.42 -5.37
C PRO A 222 -14.60 20.46 -4.50
N SER A 223 -15.79 20.08 -4.94
CA SER A 223 -16.62 19.10 -4.25
C SER A 223 -17.16 18.08 -5.25
N ILE A 224 -17.16 16.81 -4.85
CA ILE A 224 -17.84 15.78 -5.61
C ILE A 224 -19.31 16.14 -5.82
N VAL A 225 -19.85 15.71 -6.96
CA VAL A 225 -21.27 15.86 -7.26
C VAL A 225 -21.95 14.51 -7.22
N PRO A 226 -23.25 14.45 -6.92
CA PRO A 226 -23.94 13.16 -6.84
C PRO A 226 -24.24 12.52 -8.18
N ALA A 227 -24.13 13.24 -9.29
CA ALA A 227 -24.43 12.68 -10.60
C ALA A 227 -23.90 13.62 -11.67
N PHE A 228 -23.55 13.07 -12.82
CA PHE A 228 -23.03 13.88 -13.93
C PHE A 228 -23.83 13.58 -15.18
N CYS A 229 -24.42 14.62 -15.76
CA CYS A 229 -25.15 14.48 -17.02
C CYS A 229 -24.46 15.36 -18.04
N GLY A 230 -23.84 14.73 -19.05
CA GLY A 230 -23.13 15.49 -20.05
C GLY A 230 -24.07 16.12 -21.07
N GLU A 231 -23.63 17.26 -21.61
CA GLU A 231 -24.44 17.99 -22.59
C GLU A 231 -24.43 17.32 -23.96
N THR A 232 -23.39 16.56 -24.29
CA THR A 232 -23.20 16.02 -25.62
C THR A 232 -22.93 14.52 -25.54
N ILE A 233 -23.35 13.79 -26.58
CA ILE A 233 -23.17 12.34 -26.67
C ILE A 233 -22.09 12.02 -27.69
N LEU A 234 -21.13 11.18 -27.29
CA LEU A 234 -20.09 10.70 -28.19
C LEU A 234 -20.20 9.19 -28.34
N VAL A 235 -19.84 8.68 -29.52
CA VAL A 235 -19.67 7.24 -29.74
C VAL A 235 -18.27 7.04 -30.31
N ASN A 236 -17.54 6.07 -29.76
CA ASN A 236 -16.14 5.85 -30.11
C ASN A 236 -15.36 7.16 -30.28
N GLY A 237 -15.58 8.11 -29.38
CA GLY A 237 -14.73 9.28 -29.31
C GLY A 237 -15.09 10.42 -30.23
N LYS A 238 -16.26 10.40 -30.86
CA LYS A 238 -16.70 11.52 -31.70
C LYS A 238 -18.12 11.90 -31.31
N VAL A 239 -18.34 13.22 -31.24
CA VAL A 239 -19.67 13.75 -30.99
C VAL A 239 -20.61 13.37 -32.13
N TRP A 240 -21.76 12.81 -31.78
CA TRP A 240 -22.90 12.59 -32.68
C TRP A 240 -22.45 12.19 -34.09
N PRO A 241 -21.77 11.05 -34.22
CA PRO A 241 -21.17 10.68 -35.50
C PRO A 241 -22.18 9.96 -36.40
N TYR A 242 -21.76 9.74 -37.65
CA TYR A 242 -22.52 8.92 -38.59
C TYR A 242 -21.70 7.70 -38.98
N LEU A 243 -22.38 6.61 -39.30
CA LEU A 243 -21.73 5.41 -39.82
C LEU A 243 -22.42 5.00 -41.11
N GLU A 244 -21.65 4.93 -42.19
CA GLU A 244 -22.13 4.41 -43.45
C GLU A 244 -22.16 2.89 -43.39
N VAL A 245 -23.33 2.30 -43.60
CA VAL A 245 -23.48 0.84 -43.54
C VAL A 245 -24.02 0.34 -44.87
N GLU A 246 -23.67 -0.91 -45.17
CA GLU A 246 -24.25 -1.69 -46.25
C GLU A 246 -25.65 -2.18 -45.88
N PRO A 247 -26.49 -2.43 -46.88
CA PRO A 247 -27.85 -2.95 -46.61
C PRO A 247 -27.79 -4.44 -46.30
N ARG A 248 -27.46 -4.73 -45.05
CA ARG A 248 -27.26 -6.10 -44.60
C ARG A 248 -27.22 -6.09 -43.07
N LYS A 249 -26.99 -7.26 -42.49
CA LYS A 249 -27.01 -7.42 -41.04
C LYS A 249 -25.64 -7.04 -40.47
N TYR A 250 -25.66 -6.23 -39.42
CA TYR A 250 -24.46 -5.90 -38.65
C TYR A 250 -24.61 -6.40 -37.22
N ARG A 251 -23.49 -6.78 -36.61
CA ARG A 251 -23.41 -6.97 -35.17
C ARG A 251 -22.76 -5.74 -34.52
N PHE A 252 -23.31 -5.29 -33.40
CA PHE A 252 -22.78 -4.13 -32.68
C PHE A 252 -22.59 -4.51 -31.21
N ARG A 253 -21.43 -4.19 -30.67
CA ARG A 253 -21.13 -4.40 -29.25
C ARG A 253 -21.31 -3.06 -28.52
N VAL A 254 -22.50 -2.85 -27.93
CA VAL A 254 -22.88 -1.57 -27.37
C VAL A 254 -22.45 -1.51 -25.91
N ILE A 255 -21.65 -0.52 -25.55
CA ILE A 255 -21.06 -0.41 -24.22
C ILE A 255 -21.38 0.97 -23.69
N ASN A 256 -22.04 1.03 -22.54
CA ASN A 256 -22.23 2.32 -21.87
C ASN A 256 -21.01 2.58 -20.99
N ALA A 257 -20.14 3.48 -21.47
CA ALA A 257 -18.94 3.89 -20.75
C ALA A 257 -19.07 5.28 -20.12
N SER A 258 -20.31 5.75 -19.91
CA SER A 258 -20.62 7.03 -19.30
C SER A 258 -20.57 6.95 -17.76
N ASN A 259 -20.34 8.12 -17.12
CA ASN A 259 -20.20 8.18 -15.67
C ASN A 259 -21.51 7.84 -14.96
N THR A 260 -22.62 8.41 -15.41
CA THR A 260 -23.92 8.40 -14.72
C THR A 260 -25.06 8.04 -15.67
N ARG A 261 -25.03 8.54 -16.90
CA ARG A 261 -26.20 8.54 -17.77
C ARG A 261 -26.62 7.13 -18.18
N THR A 262 -27.93 6.88 -18.11
CA THR A 262 -28.55 5.70 -18.69
C THR A 262 -29.20 6.09 -20.01
N TYR A 263 -29.10 5.21 -21.01
CA TYR A 263 -29.70 5.40 -22.32
C TYR A 263 -30.87 4.44 -22.48
N ASN A 264 -31.88 4.87 -23.23
CA ASN A 264 -32.93 3.97 -23.72
C ASN A 264 -32.98 4.15 -25.23
N LEU A 265 -32.46 3.17 -25.96
CA LEU A 265 -32.15 3.32 -27.37
C LEU A 265 -33.27 2.79 -28.26
N SER A 266 -33.39 3.39 -29.45
CA SER A 266 -34.39 3.00 -30.46
C SER A 266 -33.94 3.57 -31.80
N LEU A 267 -34.47 3.00 -32.89
CA LEU A 267 -34.22 3.51 -34.22
C LEU A 267 -35.43 4.33 -34.71
N ASP A 268 -35.17 5.51 -35.26
CA ASP A 268 -36.25 6.44 -35.58
C ASP A 268 -37.02 6.07 -36.85
N ASN A 269 -36.59 5.06 -37.60
CA ASN A 269 -37.42 4.53 -38.68
C ASN A 269 -38.37 3.44 -38.20
N GLY A 270 -38.43 3.19 -36.90
CA GLY A 270 -39.31 2.19 -36.32
C GLY A 270 -38.74 0.79 -36.30
N GLY A 271 -37.52 0.59 -36.80
CA GLY A 271 -36.93 -0.74 -36.85
C GLY A 271 -36.58 -1.30 -35.49
N ASP A 272 -36.31 -2.60 -35.48
CA ASP A 272 -36.07 -3.36 -34.26
C ASP A 272 -34.60 -3.75 -34.16
N PHE A 273 -34.12 -3.86 -32.92
CA PHE A 273 -32.85 -4.54 -32.71
C PHE A 273 -33.12 -6.04 -32.47
N ILE A 274 -32.10 -6.85 -32.69
CA ILE A 274 -32.09 -8.24 -32.25
C ILE A 274 -31.00 -8.38 -31.19
N GLN A 275 -31.37 -8.51 -29.92
CA GLN A 275 -30.38 -8.78 -28.90
C GLN A 275 -29.96 -10.25 -28.97
N ILE A 276 -28.66 -10.49 -29.12
CA ILE A 276 -28.09 -11.83 -29.06
C ILE A 276 -27.27 -12.08 -27.79
N GLY A 277 -26.83 -11.02 -27.09
CA GLY A 277 -25.99 -11.21 -25.90
C GLY A 277 -26.15 -10.09 -24.88
N SER A 278 -25.78 -10.41 -23.63
CA SER A 278 -25.75 -9.52 -22.46
C SER A 278 -24.32 -9.50 -21.92
N ASP A 279 -24.11 -8.85 -20.76
CA ASP A 279 -22.77 -8.74 -20.19
C ASP A 279 -21.99 -10.03 -20.24
N GLY A 280 -22.64 -11.12 -19.83
CA GLY A 280 -21.99 -12.39 -19.63
C GLY A 280 -21.93 -13.31 -20.83
N GLY A 281 -22.41 -12.89 -22.03
CA GLY A 281 -22.28 -13.61 -23.26
C GLY A 281 -23.62 -13.81 -23.95
N LEU A 282 -23.67 -14.75 -24.89
CA LEU A 282 -24.90 -14.97 -25.66
C LEU A 282 -26.08 -15.30 -24.74
N LEU A 283 -27.25 -14.82 -25.12
CA LEU A 283 -28.46 -15.18 -24.43
C LEU A 283 -28.84 -16.62 -24.81
N PRO A 284 -29.77 -17.23 -24.07
CA PRO A 284 -30.28 -18.54 -24.52
C PRO A 284 -31.00 -18.46 -25.86
N ARG A 285 -31.89 -17.47 -25.99
CA ARG A 285 -32.61 -17.17 -27.23
C ARG A 285 -32.50 -15.68 -27.53
N SER A 286 -32.31 -15.35 -28.81
CA SER A 286 -32.29 -13.96 -29.24
C SER A 286 -33.66 -13.30 -28.99
N VAL A 287 -33.68 -11.98 -28.90
CA VAL A 287 -34.93 -11.26 -28.60
C VAL A 287 -35.03 -10.03 -29.48
N LYS A 288 -36.15 -9.92 -30.20
CA LYS A 288 -36.47 -8.75 -31.00
C LYS A 288 -36.98 -7.63 -30.09
N LEU A 289 -36.35 -6.45 -30.17
CA LEU A 289 -36.62 -5.35 -29.27
C LEU A 289 -36.85 -4.07 -30.06
N ASN A 290 -37.91 -3.32 -29.70
CA ASN A 290 -38.10 -1.99 -30.27
C ASN A 290 -37.25 -0.94 -29.57
N SER A 291 -36.89 -1.20 -28.31
CA SER A 291 -36.10 -0.28 -27.49
C SER A 291 -35.46 -1.09 -26.38
N PHE A 292 -34.41 -0.53 -25.77
CA PHE A 292 -33.80 -1.20 -24.63
C PHE A 292 -33.07 -0.18 -23.76
N SER A 293 -33.05 -0.45 -22.45
CA SER A 293 -32.37 0.40 -21.48
C SER A 293 -30.93 -0.10 -21.28
N LEU A 294 -29.99 0.85 -21.18
CA LEU A 294 -28.58 0.50 -21.03
C LEU A 294 -27.99 1.44 -19.99
N ALA A 295 -27.83 0.94 -18.76
CA ALA A 295 -27.24 1.74 -17.69
C ALA A 295 -25.72 1.65 -17.72
N PRO A 296 -25.03 2.52 -16.98
CA PRO A 296 -23.56 2.51 -17.00
C PRO A 296 -22.95 1.12 -16.78
N ALA A 297 -22.03 0.76 -17.66
CA ALA A 297 -21.21 -0.46 -17.62
C ALA A 297 -21.98 -1.70 -18.12
N GLU A 298 -23.26 -1.57 -18.47
CA GLU A 298 -24.00 -2.65 -19.11
C GLU A 298 -23.57 -2.77 -20.57
N ARG A 299 -23.68 -3.98 -21.11
CA ARG A 299 -23.38 -4.21 -22.51
C ARG A 299 -24.51 -4.97 -23.17
N TYR A 300 -24.81 -4.58 -24.39
CA TYR A 300 -25.79 -5.23 -25.25
C TYR A 300 -25.09 -5.64 -26.53
N ASP A 301 -25.16 -6.94 -26.85
CA ASP A 301 -24.67 -7.51 -28.10
C ASP A 301 -25.90 -7.65 -29.01
N ILE A 302 -25.95 -6.89 -30.09
CA ILE A 302 -27.15 -6.77 -30.91
C ILE A 302 -26.82 -6.99 -32.37
N ILE A 303 -27.86 -7.38 -33.12
CA ILE A 303 -27.83 -7.34 -34.57
C ILE A 303 -28.84 -6.31 -35.02
N ILE A 304 -28.43 -5.50 -35.99
CA ILE A 304 -29.34 -4.61 -36.70
C ILE A 304 -29.33 -5.04 -38.15
N ASP A 305 -30.50 -5.31 -38.69
CA ASP A 305 -30.65 -5.80 -40.05
C ASP A 305 -30.98 -4.60 -40.93
N PHE A 306 -30.01 -4.14 -41.71
CA PHE A 306 -30.22 -3.00 -42.59
C PHE A 306 -30.74 -3.41 -43.98
N THR A 307 -31.14 -4.67 -44.18
CA THR A 307 -31.39 -5.14 -45.54
C THR A 307 -32.52 -4.35 -46.20
N ALA A 308 -33.60 -4.10 -45.47
CA ALA A 308 -34.78 -3.47 -46.04
C ALA A 308 -34.71 -1.94 -46.01
N TYR A 309 -33.54 -1.35 -45.72
CA TYR A 309 -33.45 0.09 -45.46
C TYR A 309 -32.46 0.79 -46.39
N GLU A 310 -32.12 0.16 -47.51
CA GLU A 310 -31.16 0.75 -48.43
C GLU A 310 -31.54 2.20 -48.72
N GLY A 311 -30.53 3.07 -48.72
CA GLY A 311 -30.72 4.49 -48.91
C GLY A 311 -31.17 5.27 -47.69
N GLU A 312 -31.68 4.62 -46.63
CA GLU A 312 -32.20 5.35 -45.50
C GLU A 312 -31.08 5.97 -44.66
N SER A 313 -31.42 7.06 -43.96
CA SER A 313 -30.62 7.61 -42.86
C SER A 313 -31.39 7.33 -41.59
N ILE A 314 -30.76 6.63 -40.65
CA ILE A 314 -31.44 6.16 -39.44
C ILE A 314 -30.73 6.71 -38.23
N ILE A 315 -31.48 7.34 -37.34
CA ILE A 315 -30.92 7.88 -36.11
C ILE A 315 -31.10 6.88 -34.99
N LEU A 316 -30.01 6.54 -34.30
CA LEU A 316 -30.09 5.84 -33.03
C LEU A 316 -30.46 6.87 -31.96
N ALA A 317 -31.70 6.81 -31.48
CA ALA A 317 -32.23 7.84 -30.61
C ALA A 317 -32.20 7.39 -29.16
N ASN A 318 -32.35 8.36 -28.26
CA ASN A 318 -32.33 8.16 -26.81
C ASN A 318 -33.53 8.86 -26.20
N SER A 319 -34.28 8.15 -25.36
CA SER A 319 -35.44 8.71 -24.68
C SER A 319 -35.28 8.84 -23.17
N ALA A 320 -34.18 8.34 -22.59
CA ALA A 320 -34.02 8.40 -21.15
C ALA A 320 -33.53 9.77 -20.69
N GLY A 321 -34.14 10.28 -19.62
CA GLY A 321 -33.69 11.52 -19.05
C GLY A 321 -32.40 11.36 -18.26
N CYS A 322 -31.69 12.47 -18.11
CA CYS A 322 -30.55 12.57 -17.20
C CYS A 322 -30.66 13.95 -16.55
N GLY A 323 -31.25 13.99 -15.35
CA GLY A 323 -31.48 15.28 -14.71
C GLY A 323 -32.51 16.12 -15.40
N GLY A 324 -33.44 15.50 -16.11
CA GLY A 324 -34.40 16.22 -16.93
C GLY A 324 -34.70 15.44 -18.19
N ASP A 325 -35.75 15.89 -18.87
CA ASP A 325 -36.14 15.26 -20.12
C ASP A 325 -35.08 15.45 -21.19
N VAL A 326 -34.97 14.48 -22.09
CA VAL A 326 -34.01 14.59 -23.18
C VAL A 326 -34.34 15.82 -24.02
N ASN A 327 -33.30 16.41 -24.60
CA ASN A 327 -33.45 17.52 -25.52
C ASN A 327 -33.45 16.98 -26.93
N PRO A 328 -34.54 17.14 -27.70
CA PRO A 328 -34.57 16.57 -29.06
C PRO A 328 -33.40 16.99 -29.93
N GLU A 329 -32.80 18.14 -29.66
CA GLU A 329 -31.71 18.65 -30.48
C GLU A 329 -30.35 18.14 -30.04
N THR A 330 -30.24 17.54 -28.85
CA THR A 330 -28.96 17.13 -28.30
C THR A 330 -29.03 15.68 -27.77
N ASP A 331 -29.23 15.50 -26.46
CA ASP A 331 -29.03 14.17 -25.90
C ASP A 331 -30.14 13.18 -26.26
N ALA A 332 -31.17 13.60 -27.01
CA ALA A 332 -32.06 12.62 -27.64
C ALA A 332 -31.42 11.90 -28.81
N ASN A 333 -30.21 12.30 -29.21
CA ASN A 333 -29.49 11.74 -30.34
C ASN A 333 -28.20 11.06 -29.87
N ILE A 334 -27.92 9.86 -30.41
CA ILE A 334 -26.65 9.15 -30.21
C ILE A 334 -25.79 9.18 -31.48
N MET A 335 -26.30 8.63 -32.58
CA MET A 335 -25.52 8.55 -33.82
C MET A 335 -26.48 8.28 -34.97
N GLN A 336 -25.92 8.24 -36.17
CA GLN A 336 -26.74 8.15 -37.37
C GLN A 336 -26.19 7.07 -38.29
N PHE A 337 -27.04 6.15 -38.71
CA PHE A 337 -26.68 5.17 -39.73
C PHE A 337 -27.10 5.69 -41.09
N ARG A 338 -26.20 5.61 -42.07
CA ARG A 338 -26.48 5.93 -43.48
C ARG A 338 -26.32 4.64 -44.30
N VAL A 339 -27.44 4.03 -44.68
CA VAL A 339 -27.41 2.77 -45.43
C VAL A 339 -27.13 3.09 -46.89
N THR A 340 -25.89 3.47 -47.20
CA THR A 340 -25.54 3.91 -48.55
C THR A 340 -24.21 3.32 -48.99
N LYS A 341 -23.63 2.43 -48.23
CA LYS A 341 -22.46 1.71 -48.69
C LYS A 341 -22.90 0.63 -49.66
N PRO A 342 -22.19 0.44 -50.77
CA PRO A 342 -22.54 -0.66 -51.68
C PRO A 342 -22.14 -2.00 -51.07
N LEU A 343 -23.03 -2.99 -51.19
CA LEU A 343 -22.70 -4.35 -50.76
C LEU A 343 -21.37 -4.80 -51.36
N ALA A 344 -20.42 -5.16 -50.51
CA ALA A 344 -19.15 -5.66 -51.01
C ALA A 344 -19.15 -7.17 -51.24
N GLN A 345 -20.05 -7.91 -50.60
CA GLN A 345 -20.23 -9.34 -50.83
C GLN A 345 -21.62 -9.71 -50.38
N LYS A 346 -22.04 -10.92 -50.75
CA LYS A 346 -23.33 -11.41 -50.28
C LYS A 346 -23.33 -11.50 -48.77
N ASP A 347 -24.49 -11.22 -48.15
CA ASP A 347 -24.63 -11.33 -46.70
C ASP A 347 -24.83 -12.79 -46.35
N GLU A 348 -23.76 -13.42 -45.86
CA GLU A 348 -23.76 -14.83 -45.48
C GLU A 348 -23.99 -15.05 -43.98
N SER A 349 -24.31 -14.00 -43.24
CA SER A 349 -24.45 -14.13 -41.79
C SER A 349 -25.90 -14.47 -41.44
N ARG A 350 -26.10 -14.91 -40.19
CA ARG A 350 -27.39 -15.44 -39.77
C ARG A 350 -27.86 -14.73 -38.52
N LYS A 351 -29.14 -14.91 -38.20
CA LYS A 351 -29.73 -14.40 -36.96
C LYS A 351 -30.60 -15.49 -36.35
N PRO A 352 -29.99 -16.55 -35.81
CA PRO A 352 -30.75 -17.65 -35.22
C PRO A 352 -31.47 -17.23 -33.95
N LYS A 353 -32.59 -17.90 -33.67
CA LYS A 353 -33.33 -17.67 -32.43
C LYS A 353 -32.74 -18.48 -31.28
N TYR A 354 -32.61 -19.79 -31.47
CA TYR A 354 -31.92 -20.60 -30.48
C TYR A 354 -30.43 -20.29 -30.55
N LEU A 355 -29.85 -19.90 -29.42
CA LEU A 355 -28.44 -19.53 -29.37
C LEU A 355 -27.62 -20.43 -28.46
N ALA A 356 -28.18 -20.84 -27.33
CA ALA A 356 -27.44 -21.65 -26.36
C ALA A 356 -28.44 -22.20 -25.34
N SER A 357 -27.95 -23.08 -24.50
CA SER A 357 -28.74 -23.57 -23.38
C SER A 357 -27.86 -23.59 -22.13
N TYR A 358 -28.47 -23.24 -21.00
CA TYR A 358 -27.75 -23.11 -19.73
C TYR A 358 -28.42 -23.94 -18.63
N ASN A 368 -26.79 -20.56 0.46
CA ASN A 368 -26.87 -19.37 1.30
C ASN A 368 -27.62 -18.21 0.63
N ILE A 369 -28.23 -17.36 1.45
CA ILE A 369 -28.88 -16.15 0.97
C ILE A 369 -28.35 -14.97 1.76
N ARG A 370 -28.35 -13.81 1.10
CA ARG A 370 -27.73 -12.61 1.62
C ARG A 370 -28.64 -11.47 1.24
N THR A 371 -28.98 -10.62 2.22
CA THR A 371 -29.80 -9.43 1.98
C THR A 371 -28.90 -8.20 2.06
N LEU A 372 -29.05 -7.29 1.09
CA LEU A 372 -28.22 -6.11 0.98
C LEU A 372 -29.09 -4.89 0.70
N LYS A 373 -28.80 -3.79 1.38
CA LYS A 373 -29.64 -2.61 1.36
C LYS A 373 -28.88 -1.44 0.73
N LEU A 374 -29.52 -0.77 -0.23
CA LEU A 374 -29.00 0.47 -0.79
C LEU A 374 -29.61 1.64 -0.03
N ALA A 375 -28.79 2.61 0.35
CA ALA A 375 -29.31 3.74 1.11
C ALA A 375 -28.41 4.94 0.93
N GLY A 376 -28.98 6.13 1.19
CA GLY A 376 -28.25 7.38 1.13
C GLY A 376 -28.36 8.21 2.39
N THR A 377 -27.22 8.63 2.93
CA THR A 377 -27.13 9.49 4.11
C THR A 377 -26.55 10.84 3.70
N GLN A 378 -26.34 11.71 4.70
CA GLN A 378 -25.77 13.04 4.48
C GLN A 378 -24.47 13.17 5.26
N ASP A 379 -23.47 13.82 4.65
CA ASP A 379 -22.22 14.04 5.36
C ASP A 379 -22.25 15.39 6.09
N GLU A 380 -21.14 15.70 6.76
CA GLU A 380 -21.04 16.91 7.56
C GLU A 380 -21.20 18.19 6.74
N TYR A 381 -21.19 18.11 5.42
CA TYR A 381 -21.42 19.29 4.60
C TYR A 381 -22.83 19.34 4.06
N GLY A 382 -23.67 18.37 4.38
CA GLY A 382 -24.97 18.27 3.78
C GLY A 382 -25.00 17.55 2.45
N ARG A 383 -23.86 17.06 1.99
CA ARG A 383 -23.82 16.32 0.74
C ARG A 383 -24.33 14.88 0.94
N PRO A 384 -24.94 14.30 -0.08
CA PRO A 384 -25.39 12.91 0.03
C PRO A 384 -24.22 11.93 -0.11
N VAL A 385 -24.28 10.88 0.68
CA VAL A 385 -23.33 9.76 0.63
C VAL A 385 -24.18 8.51 0.38
N LEU A 386 -23.89 7.81 -0.71
CA LEU A 386 -24.60 6.58 -1.01
C LEU A 386 -23.81 5.38 -0.50
N LEU A 387 -24.47 4.47 0.21
CA LEU A 387 -23.80 3.38 0.90
C LEU A 387 -24.46 2.05 0.60
N LEU A 388 -23.65 1.00 0.63
CA LEU A 388 -24.13 -0.36 0.55
C LEU A 388 -24.22 -0.90 1.99
N ASN A 389 -25.45 -1.23 2.42
CA ASN A 389 -25.65 -1.82 3.74
C ASN A 389 -25.18 -0.91 4.87
N ASN A 390 -25.30 0.40 4.68
CA ASN A 390 -24.90 1.41 5.66
C ASN A 390 -23.44 1.23 6.11
N LYS A 391 -22.60 0.61 5.28
CA LYS A 391 -21.18 0.48 5.55
C LYS A 391 -20.38 1.41 4.65
N ARG A 392 -19.20 1.79 5.11
CA ARG A 392 -18.24 2.57 4.33
C ARG A 392 -17.20 1.64 3.71
N TRP A 393 -16.55 2.10 2.66
CA TRP A 393 -15.53 1.30 2.00
C TRP A 393 -14.55 0.69 3.01
N HIS A 394 -14.07 1.50 3.95
CA HIS A 394 -13.00 1.10 4.86
C HIS A 394 -13.47 0.30 6.08
N ASP A 395 -14.78 0.11 6.28
CA ASP A 395 -15.24 -0.76 7.35
C ASP A 395 -14.80 -2.20 7.10
N PRO A 396 -14.62 -3.00 8.14
CA PRO A 396 -14.26 -4.42 7.95
C PRO A 396 -15.20 -5.12 6.97
N VAL A 397 -14.64 -6.03 6.16
CA VAL A 397 -15.40 -6.67 5.10
C VAL A 397 -16.53 -7.50 5.71
N THR A 398 -17.69 -7.49 5.05
CA THR A 398 -18.85 -8.30 5.47
C THR A 398 -19.36 -9.27 4.40
N GLU A 399 -19.15 -8.98 3.11
CA GLU A 399 -19.56 -9.90 2.05
C GLU A 399 -18.43 -10.90 1.84
N THR A 400 -18.59 -12.10 2.42
CA THR A 400 -17.50 -13.08 2.51
C THR A 400 -17.99 -14.48 2.12
N PRO A 401 -18.51 -14.65 0.91
CA PRO A 401 -18.94 -15.99 0.48
C PRO A 401 -17.75 -16.93 0.34
N LYS A 402 -18.03 -18.23 0.46
CA LYS A 402 -16.99 -19.24 0.30
C LYS A 402 -16.82 -19.58 -1.17
N VAL A 403 -15.57 -19.81 -1.56
CA VAL A 403 -15.26 -20.17 -2.95
C VAL A 403 -16.03 -21.42 -3.35
N GLY A 404 -16.56 -21.42 -4.57
CA GLY A 404 -17.33 -22.56 -5.07
C GLY A 404 -18.78 -22.59 -4.63
N THR A 405 -19.20 -21.72 -3.71
CA THR A 405 -20.56 -21.76 -3.22
C THR A 405 -21.46 -20.82 -4.03
N THR A 406 -22.76 -21.09 -3.97
CA THR A 406 -23.78 -20.33 -4.69
C THR A 406 -24.70 -19.65 -3.70
N GLU A 407 -25.02 -18.38 -3.96
CA GLU A 407 -25.84 -17.57 -3.08
C GLU A 407 -26.92 -16.85 -3.87
N ILE A 408 -28.02 -16.54 -3.20
CA ILE A 408 -29.00 -15.61 -3.71
C ILE A 408 -28.82 -14.29 -2.97
N TRP A 409 -28.49 -13.23 -3.71
CA TRP A 409 -28.42 -11.89 -3.13
C TRP A 409 -29.76 -11.19 -3.35
N SER A 410 -30.37 -10.72 -2.27
CA SER A 410 -31.58 -9.88 -2.34
C SER A 410 -31.17 -8.43 -2.13
N ILE A 411 -31.27 -7.63 -3.18
CA ILE A 411 -30.81 -6.24 -3.17
C ILE A 411 -32.04 -5.36 -3.00
N ILE A 412 -32.15 -4.70 -1.86
CA ILE A 412 -33.29 -3.85 -1.54
C ILE A 412 -32.92 -2.43 -1.92
N ASN A 413 -33.71 -1.80 -2.80
CA ASN A 413 -33.50 -0.40 -3.16
C ASN A 413 -34.66 0.50 -2.70
N PRO A 414 -34.56 1.12 -1.53
CA PRO A 414 -35.57 2.12 -1.13
C PRO A 414 -35.24 3.54 -1.56
N THR A 415 -34.25 3.73 -2.43
CA THR A 415 -33.91 5.08 -2.87
C THR A 415 -34.85 5.49 -4.01
N ARG A 416 -34.69 6.71 -4.48
CA ARG A 416 -35.55 7.25 -5.52
C ARG A 416 -35.09 6.88 -6.93
N GLY A 417 -33.87 6.37 -7.10
CA GLY A 417 -33.33 6.10 -8.40
C GLY A 417 -32.83 4.67 -8.57
N THR A 418 -32.49 4.35 -9.81
CA THR A 418 -31.93 3.06 -10.15
C THR A 418 -30.43 3.08 -9.89
N HIS A 419 -29.91 1.98 -9.33
CA HIS A 419 -28.47 1.83 -9.21
C HIS A 419 -28.00 0.62 -10.00
N PRO A 420 -27.00 0.80 -10.90
CA PRO A 420 -26.47 -0.35 -11.67
C PRO A 420 -25.39 -1.09 -10.89
N ILE A 421 -25.73 -2.24 -10.31
CA ILE A 421 -24.86 -2.91 -9.36
C ILE A 421 -23.95 -3.87 -10.13
N HIS A 422 -22.66 -3.76 -9.91
CA HIS A 422 -21.66 -4.61 -10.55
C HIS A 422 -20.95 -5.43 -9.49
N LEU A 423 -20.88 -6.74 -9.68
CA LEU A 423 -20.06 -7.62 -8.87
C LEU A 423 -18.84 -8.03 -9.68
N HIS A 424 -17.65 -7.96 -9.09
CA HIS A 424 -16.46 -8.42 -9.80
C HIS A 424 -16.41 -9.95 -9.83
N LEU A 425 -15.53 -10.46 -10.71
CA LEU A 425 -15.24 -11.88 -10.93
C LEU A 425 -16.38 -12.66 -11.54
N VAL A 426 -17.59 -12.54 -11.01
CA VAL A 426 -18.67 -13.45 -11.37
C VAL A 426 -19.58 -12.83 -12.42
N SER A 427 -20.34 -13.68 -13.09
CA SER A 427 -21.61 -13.28 -13.69
C SER A 427 -22.70 -14.12 -13.04
N PHE A 428 -23.93 -13.64 -13.14
CA PHE A 428 -25.00 -14.16 -12.32
C PHE A 428 -26.29 -14.19 -13.13
N ARG A 429 -27.24 -15.01 -12.66
CA ARG A 429 -28.57 -15.06 -13.22
C ARG A 429 -29.50 -14.14 -12.44
N VAL A 430 -30.49 -13.60 -13.13
CA VAL A 430 -31.50 -12.76 -12.52
C VAL A 430 -32.67 -13.64 -12.11
N LEU A 431 -33.07 -13.58 -10.84
CA LEU A 431 -34.17 -14.39 -10.35
C LEU A 431 -35.51 -13.69 -10.55
N ASP A 432 -35.64 -12.48 -10.03
CA ASP A 432 -36.88 -11.72 -10.15
C ASP A 432 -36.70 -10.34 -9.54
N ARG A 433 -37.70 -9.49 -9.75
CA ARG A 433 -37.81 -8.22 -9.07
C ARG A 433 -39.21 -8.15 -8.47
N ARG A 434 -39.32 -7.46 -7.33
CA ARG A 434 -40.61 -7.38 -6.68
C ARG A 434 -40.78 -6.05 -5.99
N PRO A 435 -41.84 -5.30 -6.29
CA PRO A 435 -42.04 -3.99 -5.67
C PRO A 435 -42.53 -4.10 -4.24
N PHE A 436 -42.11 -3.12 -3.43
CA PHE A 436 -42.48 -3.09 -2.01
C PHE A 436 -42.88 -1.67 -1.64
N ASP A 437 -43.41 -1.52 -0.43
CA ASP A 437 -43.90 -0.23 0.06
C ASP A 437 -42.74 0.55 0.67
N ILE A 438 -42.35 1.64 0.01
CA ILE A 438 -41.17 2.39 0.45
C ILE A 438 -41.40 3.02 1.81
N ALA A 439 -42.46 3.81 1.93
CA ALA A 439 -42.76 4.51 3.18
C ALA A 439 -42.73 3.56 4.36
N ARG A 440 -43.38 2.40 4.21
CA ARG A 440 -43.40 1.44 5.31
C ARG A 440 -41.99 0.96 5.65
N TYR A 441 -41.23 0.56 4.64
CA TYR A 441 -39.86 0.12 4.88
C TYR A 441 -39.07 1.17 5.64
N GLN A 442 -39.34 2.45 5.38
CA GLN A 442 -38.67 3.54 6.10
C GLN A 442 -38.85 3.38 7.61
N GLU A 443 -40.10 3.31 8.06
CA GLU A 443 -40.40 3.28 9.50
C GLU A 443 -39.85 2.04 10.18
N SER A 444 -40.41 0.88 9.82
CA SER A 444 -40.23 -0.34 10.59
C SER A 444 -39.19 -1.30 10.00
N GLY A 445 -38.77 -1.12 8.76
CA GLY A 445 -37.91 -2.09 8.13
C GLY A 445 -38.61 -3.35 7.69
N GLU A 446 -39.93 -3.30 7.55
CA GLU A 446 -40.70 -4.44 7.05
C GLU A 446 -40.80 -4.35 5.53
N LEU A 447 -40.58 -5.49 4.87
CA LEU A 447 -40.74 -5.60 3.43
C LEU A 447 -42.20 -5.92 3.13
N SER A 448 -43.00 -4.87 2.94
CA SER A 448 -44.42 -5.05 2.61
C SER A 448 -44.57 -5.03 1.10
N TYR A 449 -44.71 -6.22 0.51
CA TYR A 449 -44.68 -6.35 -0.94
C TYR A 449 -45.97 -5.82 -1.57
N THR A 450 -45.82 -5.09 -2.66
CA THR A 450 -46.89 -4.39 -3.35
C THR A 450 -47.40 -5.16 -4.56
N GLY A 451 -46.90 -6.37 -4.78
CA GLY A 451 -47.27 -7.15 -5.94
C GLY A 451 -46.41 -8.39 -6.04
N PRO A 452 -46.71 -9.25 -7.00
CA PRO A 452 -45.97 -10.51 -7.14
C PRO A 452 -44.60 -10.26 -7.74
N ALA A 453 -43.75 -11.27 -7.61
CA ALA A 453 -42.43 -11.20 -8.22
C ALA A 453 -42.55 -11.24 -9.73
N VAL A 454 -41.65 -10.53 -10.39
CA VAL A 454 -41.64 -10.46 -11.85
C VAL A 454 -40.36 -11.14 -12.34
N PRO A 455 -40.48 -12.26 -13.05
CA PRO A 455 -39.28 -12.92 -13.59
C PRO A 455 -38.62 -12.04 -14.64
N PRO A 456 -37.35 -12.29 -14.94
CA PRO A 456 -36.65 -11.40 -15.87
C PRO A 456 -37.22 -11.51 -17.27
N PRO A 457 -37.23 -10.41 -18.01
CA PRO A 457 -37.56 -10.50 -19.45
C PRO A 457 -36.47 -11.24 -20.20
N PRO A 458 -36.73 -11.63 -21.45
CA PRO A 458 -35.72 -12.40 -22.22
C PRO A 458 -34.32 -11.81 -22.23
N SER A 459 -34.19 -10.48 -22.22
CA SER A 459 -32.87 -9.85 -22.20
C SER A 459 -32.05 -10.25 -20.98
N GLU A 460 -32.71 -10.66 -19.90
CA GLU A 460 -32.04 -10.97 -18.64
C GLU A 460 -32.17 -12.44 -18.26
N LYS A 461 -32.50 -13.30 -19.24
CA LYS A 461 -32.54 -14.75 -19.01
C LYS A 461 -31.16 -15.40 -19.15
N GLY A 462 -30.15 -14.64 -19.52
CA GLY A 462 -28.77 -15.13 -19.60
C GLY A 462 -27.94 -14.72 -18.41
N TRP A 463 -26.70 -14.32 -18.68
CA TRP A 463 -25.72 -14.01 -17.64
C TRP A 463 -25.44 -12.51 -17.63
N LYS A 464 -25.49 -11.91 -16.44
CA LYS A 464 -25.25 -10.49 -16.21
C LYS A 464 -24.08 -10.30 -15.24
N ASP A 465 -23.43 -9.14 -15.30
CA ASP A 465 -22.49 -8.75 -14.24
C ASP A 465 -22.71 -7.33 -13.76
N THR A 466 -23.55 -6.55 -14.43
CA THR A 466 -23.97 -5.22 -14.01
C THR A 466 -25.46 -5.15 -14.22
N ILE A 467 -26.24 -4.86 -13.18
CA ILE A 467 -27.69 -5.09 -13.22
C ILE A 467 -28.43 -3.91 -12.62
N GLN A 468 -29.51 -3.49 -13.27
CA GLN A 468 -30.28 -2.34 -12.81
C GLN A 468 -31.16 -2.74 -11.63
N ALA A 469 -30.90 -2.17 -10.46
CA ALA A 469 -31.80 -2.33 -9.30
C ALA A 469 -32.67 -1.09 -9.24
N HIS A 470 -33.93 -1.23 -9.65
CA HIS A 470 -34.85 -0.12 -9.76
C HIS A 470 -35.35 0.32 -8.39
N ALA A 471 -35.75 1.59 -8.30
CA ALA A 471 -36.29 2.15 -7.07
C ALA A 471 -37.54 1.38 -6.63
N GLY A 472 -37.69 1.24 -5.31
CA GLY A 472 -38.88 0.61 -4.78
C GLY A 472 -39.02 -0.85 -5.09
N GLU A 473 -37.92 -1.55 -5.37
CA GLU A 473 -37.98 -2.95 -5.74
C GLU A 473 -36.90 -3.73 -5.00
N VAL A 474 -37.21 -5.00 -4.73
CA VAL A 474 -36.22 -5.98 -4.29
C VAL A 474 -35.80 -6.79 -5.50
N LEU A 475 -34.50 -6.84 -5.75
CA LEU A 475 -33.95 -7.58 -6.88
C LEU A 475 -33.19 -8.78 -6.35
N ARG A 476 -33.48 -9.97 -6.89
CA ARG A 476 -32.79 -11.18 -6.48
C ARG A 476 -31.96 -11.72 -7.64
N ILE A 477 -30.68 -11.99 -7.35
CA ILE A 477 -29.73 -12.55 -8.32
C ILE A 477 -29.09 -13.79 -7.72
N ALA A 478 -28.68 -14.69 -8.58
CA ALA A 478 -28.03 -15.93 -8.16
C ALA A 478 -26.62 -15.96 -8.73
N ALA A 479 -25.62 -16.08 -7.86
CA ALA A 479 -24.24 -16.13 -8.30
C ALA A 479 -23.47 -17.25 -7.61
N THR A 480 -22.58 -17.87 -8.36
CA THR A 480 -21.62 -18.84 -7.85
C THR A 480 -20.27 -18.16 -7.77
N PHE A 481 -19.67 -18.16 -6.57
CA PHE A 481 -18.49 -17.36 -6.28
C PHE A 481 -17.23 -18.17 -6.54
N GLY A 482 -16.77 -18.14 -7.80
CA GLY A 482 -15.55 -18.78 -8.23
C GLY A 482 -15.28 -18.41 -9.69
N PRO A 483 -14.30 -19.06 -10.34
CA PRO A 483 -13.45 -20.17 -9.90
C PRO A 483 -12.38 -19.76 -8.91
N TYR A 484 -11.99 -18.48 -8.91
CA TYR A 484 -10.89 -17.96 -8.10
C TYR A 484 -11.39 -17.49 -6.75
N SER A 485 -10.46 -17.30 -5.83
CA SER A 485 -10.75 -16.82 -4.48
C SER A 485 -9.91 -15.58 -4.19
N GLY A 486 -10.33 -14.83 -3.18
CA GLY A 486 -9.52 -13.71 -2.75
C GLY A 486 -10.35 -12.46 -2.57
N ARG A 487 -9.67 -11.33 -2.65
CA ARG A 487 -10.24 -10.03 -2.31
C ARG A 487 -10.68 -9.33 -3.59
N TYR A 488 -11.99 -9.17 -3.75
CA TYR A 488 -12.57 -8.44 -4.87
C TYR A 488 -13.41 -7.27 -4.33
N VAL A 489 -14.31 -6.71 -5.16
CA VAL A 489 -15.22 -5.65 -4.73
C VAL A 489 -16.57 -5.84 -5.40
N TRP A 490 -17.58 -5.16 -4.85
CA TRP A 490 -18.87 -4.96 -5.49
C TRP A 490 -19.31 -3.52 -5.26
N HIS A 491 -20.06 -2.96 -6.22
CA HIS A 491 -20.33 -1.53 -6.14
C HIS A 491 -21.37 -1.09 -7.17
N CYS A 492 -21.96 0.08 -6.92
CA CYS A 492 -22.79 0.73 -7.94
C CYS A 492 -21.88 1.34 -8.99
N HIS A 493 -22.28 1.27 -10.27
CA HIS A 493 -21.39 1.71 -11.33
C HIS A 493 -21.73 3.10 -11.86
N ILE A 494 -22.61 3.83 -11.19
CA ILE A 494 -22.63 5.29 -11.36
C ILE A 494 -21.39 5.82 -10.67
N LEU A 495 -20.42 6.32 -11.44
CA LEU A 495 -19.08 6.55 -10.88
C LEU A 495 -19.09 7.58 -9.75
N GLU A 496 -19.98 8.57 -9.83
CA GLU A 496 -20.12 9.54 -8.75
C GLU A 496 -20.63 8.88 -7.46
N HIS A 497 -21.44 7.83 -7.57
CA HIS A 497 -21.85 7.08 -6.39
C HIS A 497 -20.73 6.18 -5.89
N GLU A 498 -20.06 5.50 -6.82
CA GLU A 498 -18.97 4.59 -6.46
C GLU A 498 -17.91 5.31 -5.65
N ASP A 499 -17.56 6.55 -6.03
CA ASP A 499 -16.47 7.24 -5.37
C ASP A 499 -16.85 7.78 -3.99
N TYR A 500 -18.15 7.82 -3.64
CA TYR A 500 -18.59 8.43 -2.38
C TYR A 500 -20.00 7.97 -2.01
N ASP A 501 -20.14 6.75 -1.47
CA ASP A 501 -19.09 5.79 -1.15
C ASP A 501 -19.65 4.38 -1.38
N MET A 502 -20.31 4.19 -2.53
CA MET A 502 -21.12 3.00 -2.81
C MET A 502 -20.29 1.84 -3.39
N MET A 503 -19.27 1.44 -2.63
CA MET A 503 -18.37 0.37 -3.03
C MET A 503 -17.93 -0.37 -1.77
N ARG A 504 -17.89 -1.69 -1.85
CA ARG A 504 -17.44 -2.45 -0.68
C ARG A 504 -16.52 -3.57 -1.11
N PRO A 505 -15.61 -3.98 -0.24
CA PRO A 505 -14.79 -5.15 -0.54
C PRO A 505 -15.65 -6.40 -0.46
N MET A 506 -15.26 -7.40 -1.25
CA MET A 506 -15.97 -8.67 -1.26
C MET A 506 -14.89 -9.73 -1.18
N ASP A 507 -14.86 -10.47 -0.08
CA ASP A 507 -13.86 -11.51 0.15
C ASP A 507 -14.46 -12.88 -0.17
N ILE A 508 -13.87 -13.56 -1.14
CA ILE A 508 -14.28 -14.92 -1.51
C ILE A 508 -13.30 -15.86 -0.81
N THR A 509 -13.76 -16.51 0.27
CA THR A 509 -12.85 -17.16 1.19
C THR A 509 -12.44 -18.54 0.69
N ASP A 510 -11.24 -18.96 1.08
CA ASP A 510 -10.63 -20.17 0.54
C ASP A 510 -10.00 -20.97 1.67
N PRO A 511 -10.42 -22.24 1.91
CA PRO A 511 -9.75 -23.05 2.94
C PRO A 511 -8.34 -23.44 2.53
N THR B 2 41.14 -1.36 0.14
CA THR B 2 39.81 -1.13 0.73
C THR B 2 38.87 -0.50 -0.29
N LEU B 3 37.58 -0.50 0.00
CA LEU B 3 36.56 -0.24 -1.01
C LEU B 3 36.43 1.26 -1.28
N GLU B 4 36.22 1.61 -2.54
CA GLU B 4 36.16 3.02 -2.91
C GLU B 4 34.90 3.65 -2.34
N LYS B 5 35.06 4.73 -1.57
CA LYS B 5 33.93 5.33 -0.89
C LYS B 5 33.07 6.10 -1.88
N PHE B 6 31.78 6.18 -1.55
CA PHE B 6 30.85 7.06 -2.26
C PHE B 6 30.76 6.72 -3.75
N VAL B 7 30.54 5.45 -4.07
CA VAL B 7 30.30 5.04 -5.45
C VAL B 7 28.94 4.38 -5.65
N ASP B 8 28.16 4.18 -4.59
CA ASP B 8 26.83 3.60 -4.70
C ASP B 8 25.81 4.57 -4.13
N ALA B 9 24.68 4.74 -4.83
CA ALA B 9 23.62 5.56 -4.28
C ALA B 9 23.05 4.93 -3.00
N LEU B 10 22.64 5.79 -2.07
CA LEU B 10 21.98 5.33 -0.85
C LEU B 10 20.65 4.67 -1.19
N PRO B 11 20.45 3.40 -0.85
CA PRO B 11 19.12 2.80 -1.02
C PRO B 11 18.15 3.37 -0.01
N ILE B 12 16.88 3.36 -0.40
CA ILE B 12 15.77 3.80 0.44
C ILE B 12 14.84 2.61 0.60
N PRO B 13 14.80 1.96 1.77
CA PRO B 13 13.96 0.77 1.90
C PRO B 13 12.51 1.06 1.53
N ASP B 14 11.90 0.13 0.79
CA ASP B 14 10.49 0.20 0.50
C ASP B 14 9.67 0.17 1.79
N THR B 15 8.45 0.68 1.70
CA THR B 15 7.53 0.64 2.82
C THR B 15 6.72 -0.66 2.74
N LEU B 16 6.65 -1.38 3.85
CA LEU B 16 5.92 -2.63 3.88
C LEU B 16 4.45 -2.41 3.54
N LYS B 17 3.91 -3.28 2.69
CA LYS B 17 2.47 -3.23 2.40
C LYS B 17 1.72 -4.29 3.19
N PRO B 18 0.52 -3.99 3.66
CA PRO B 18 -0.25 -4.97 4.44
C PRO B 18 -0.80 -6.10 3.57
N VAL B 19 -1.12 -7.21 4.23
CA VAL B 19 -1.93 -8.26 3.63
C VAL B 19 -3.41 -7.89 3.69
N GLN B 20 -3.86 -7.30 4.78
CA GLN B 20 -5.23 -6.84 4.91
C GLN B 20 -5.25 -5.57 5.74
N GLN B 21 -6.17 -4.65 5.40
CA GLN B 21 -6.27 -3.39 6.13
C GLN B 21 -7.69 -2.86 6.08
N SER B 22 -8.17 -2.38 7.23
CA SER B 22 -9.45 -1.69 7.33
C SER B 22 -9.30 -0.57 8.38
N LYS B 23 -10.39 0.14 8.60
CA LYS B 23 -10.40 1.15 9.65
C LYS B 23 -10.08 0.52 11.00
N GLU B 24 -10.43 -0.74 11.21
CA GLU B 24 -10.31 -1.33 12.53
C GLU B 24 -8.98 -2.06 12.75
N LYS B 25 -8.24 -2.42 11.71
CA LYS B 25 -7.07 -3.26 11.94
C LYS B 25 -6.22 -3.33 10.68
N THR B 26 -4.90 -3.40 10.87
CA THR B 26 -3.93 -3.61 9.80
C THR B 26 -3.16 -4.88 10.09
N TYR B 27 -3.08 -5.78 9.11
CA TYR B 27 -2.44 -7.07 9.31
C TYR B 27 -1.28 -7.23 8.33
N TYR B 28 -0.06 -7.39 8.85
CA TYR B 28 1.15 -7.64 8.06
C TYR B 28 1.64 -9.07 8.26
N GLU B 29 2.37 -9.57 7.25
CA GLU B 29 3.12 -10.81 7.35
C GLU B 29 4.54 -10.53 6.87
N VAL B 30 5.51 -10.90 7.68
CA VAL B 30 6.92 -10.71 7.36
C VAL B 30 7.63 -12.04 7.54
N THR B 31 8.41 -12.45 6.54
CA THR B 31 9.09 -13.74 6.58
C THR B 31 10.60 -13.53 6.49
N MET B 32 11.33 -14.01 7.50
CA MET B 32 12.79 -13.99 7.45
C MET B 32 13.29 -15.05 6.48
N GLU B 33 14.16 -14.64 5.56
CA GLU B 33 14.60 -15.50 4.46
C GLU B 33 16.09 -15.31 4.19
N GLU B 34 16.74 -16.35 3.69
CA GLU B 34 18.07 -16.19 3.10
C GLU B 34 17.96 -15.50 1.74
N CYS B 35 18.79 -14.49 1.52
CA CYS B 35 18.78 -13.77 0.24
C CYS B 35 20.18 -13.25 -0.06
N THR B 36 20.38 -12.88 -1.32
CA THR B 36 21.66 -12.38 -1.78
C THR B 36 21.54 -10.92 -2.21
N HIS B 37 22.47 -10.09 -1.76
CA HIS B 37 22.50 -8.69 -2.13
C HIS B 37 23.93 -8.25 -2.38
N GLN B 38 24.07 -7.17 -3.15
CA GLN B 38 25.34 -6.54 -3.44
C GLN B 38 25.50 -5.34 -2.50
N LEU B 39 26.49 -5.41 -1.62
CA LEU B 39 26.71 -4.35 -0.64
C LEU B 39 27.60 -3.23 -1.16
N HIS B 40 28.30 -3.45 -2.27
CA HIS B 40 29.18 -2.44 -2.84
C HIS B 40 29.41 -2.76 -4.30
N ARG B 41 29.57 -1.70 -5.11
CA ARG B 41 29.72 -1.85 -6.55
C ARG B 41 30.77 -2.90 -6.92
N ASP B 42 31.84 -3.00 -6.14
CA ASP B 42 32.98 -3.82 -6.50
C ASP B 42 33.04 -5.15 -5.78
N LEU B 43 32.02 -5.47 -4.96
CA LEU B 43 32.02 -6.77 -4.29
C LEU B 43 31.14 -7.76 -5.03
N PRO B 44 31.41 -9.05 -4.89
CA PRO B 44 30.43 -10.06 -5.28
C PRO B 44 29.21 -9.97 -4.39
N PRO B 45 28.08 -10.55 -4.80
CA PRO B 45 26.89 -10.53 -3.95
C PRO B 45 27.16 -11.21 -2.62
N THR B 46 26.46 -10.76 -1.58
CA THR B 46 26.64 -11.26 -0.22
C THR B 46 25.40 -12.03 0.22
N ARG B 47 25.60 -13.22 0.77
CA ARG B 47 24.52 -13.97 1.39
C ARG B 47 24.16 -13.37 2.74
N LEU B 48 22.87 -13.19 2.98
CA LEU B 48 22.37 -12.48 4.15
C LEU B 48 21.07 -13.11 4.62
N TRP B 49 20.68 -12.80 5.85
CA TRP B 49 19.32 -13.08 6.34
C TRP B 49 18.55 -11.77 6.44
N GLY B 50 17.37 -11.74 5.83
CA GLY B 50 16.61 -10.50 5.75
C GLY B 50 15.14 -10.71 5.99
N TYR B 51 14.53 -9.71 6.63
CA TYR B 51 13.06 -9.65 6.71
C TYR B 51 12.48 -9.45 5.31
N ASN B 52 11.60 -10.37 4.89
CA ASN B 52 11.14 -10.46 3.50
C ASN B 52 12.31 -10.52 2.52
N GLY B 53 13.42 -11.09 2.95
CA GLY B 53 14.61 -11.19 2.11
C GLY B 53 15.28 -9.87 1.77
N LEU B 54 15.08 -8.82 2.55
CA LEU B 54 15.67 -7.51 2.28
C LEU B 54 16.59 -7.10 3.43
N PHE B 55 17.62 -6.33 3.09
CA PHE B 55 18.58 -5.82 4.06
C PHE B 55 18.84 -4.36 3.79
N PRO B 56 18.44 -3.45 4.68
CA PRO B 56 17.60 -3.68 5.87
C PRO B 56 16.20 -4.10 5.47
N GLY B 57 15.40 -4.56 6.43
CA GLY B 57 14.05 -4.99 6.16
C GLY B 57 13.20 -3.81 5.72
N PRO B 58 12.01 -4.09 5.21
CA PRO B 58 11.12 -2.99 4.78
C PRO B 58 10.76 -2.06 5.93
N THR B 59 10.73 -0.77 5.64
CA THR B 59 10.27 0.19 6.63
C THR B 59 8.78 -0.04 6.86
N ILE B 60 8.38 -0.14 8.12
CA ILE B 60 6.97 -0.26 8.49
C ILE B 60 6.54 1.12 8.96
N GLU B 61 5.42 1.61 8.43
CA GLU B 61 4.90 2.94 8.75
C GLU B 61 3.48 2.81 9.24
N VAL B 62 3.21 3.40 10.41
CA VAL B 62 1.92 3.29 11.06
C VAL B 62 1.54 4.66 11.59
N LYS B 63 0.25 4.84 11.86
CA LYS B 63 -0.25 5.99 12.60
C LYS B 63 -0.35 5.66 14.07
N ARG B 64 -0.22 6.69 14.90
CA ARG B 64 -0.47 6.54 16.34
C ARG B 64 -1.86 5.97 16.54
N ASN B 65 -1.97 4.98 17.42
CA ASN B 65 -3.22 4.29 17.72
C ASN B 65 -3.70 3.36 16.61
N GLU B 66 -2.97 3.22 15.50
CA GLU B 66 -3.30 2.20 14.51
C GLU B 66 -3.19 0.79 15.09
N ASN B 67 -4.27 0.01 15.00
CA ASN B 67 -4.36 -1.35 15.54
C ASN B 67 -3.63 -2.30 14.59
N VAL B 68 -2.36 -2.62 14.89
CA VAL B 68 -1.50 -3.33 13.95
C VAL B 68 -1.20 -4.73 14.45
N TYR B 69 -1.19 -5.68 13.52
CA TYR B 69 -0.78 -7.04 13.81
C TYR B 69 0.28 -7.43 12.81
N VAL B 70 1.32 -8.10 13.27
CA VAL B 70 2.40 -8.59 12.41
C VAL B 70 2.66 -10.05 12.74
N LYS B 71 2.53 -10.91 11.75
CA LYS B 71 2.93 -12.31 11.87
C LYS B 71 4.37 -12.43 11.36
N TRP B 72 5.31 -12.54 12.28
CA TRP B 72 6.71 -12.73 11.92
C TRP B 72 6.99 -14.22 11.77
N MET B 73 7.51 -14.63 10.61
CA MET B 73 7.79 -16.03 10.33
C MET B 73 9.25 -16.27 10.00
N ASN B 74 9.69 -17.48 10.37
CA ASN B 74 11.05 -17.97 10.13
C ASN B 74 11.00 -18.91 8.94
N ASN B 75 11.68 -18.55 7.86
CA ASN B 75 11.88 -19.45 6.73
C ASN B 75 13.37 -19.57 6.45
N LEU B 76 14.19 -19.58 7.51
CA LEU B 76 15.63 -19.64 7.38
C LEU B 76 16.14 -21.07 7.45
N PRO B 77 17.36 -21.30 6.99
CA PRO B 77 17.97 -22.64 7.10
C PRO B 77 18.03 -23.08 8.55
N SER B 78 18.32 -24.37 8.74
CA SER B 78 18.34 -24.91 10.08
C SER B 78 19.71 -24.83 10.74
N THR B 79 20.74 -24.47 9.99
CA THR B 79 22.06 -24.19 10.53
C THR B 79 22.44 -22.75 10.21
N HIS B 80 23.25 -22.18 11.08
CA HIS B 80 23.66 -20.78 10.98
C HIS B 80 24.92 -20.66 10.12
N PHE B 81 25.11 -19.50 9.50
CA PHE B 81 26.35 -19.31 8.74
C PHE B 81 27.40 -18.54 9.52
N LEU B 82 27.13 -18.16 10.76
CA LEU B 82 28.03 -17.44 11.65
C LEU B 82 28.39 -18.30 12.85
N PRO B 83 29.54 -18.07 13.50
CA PRO B 83 29.99 -19.00 14.56
C PRO B 83 29.12 -18.93 15.81
N ILE B 84 28.57 -20.07 16.22
CA ILE B 84 27.77 -20.19 17.42
C ILE B 84 28.64 -20.74 18.55
N ASP B 85 28.65 -20.05 19.70
CA ASP B 85 29.36 -20.54 20.89
C ASP B 85 28.33 -21.09 21.89
N HIS B 86 28.34 -22.39 22.08
CA HIS B 86 27.29 -22.98 22.90
C HIS B 86 27.57 -22.91 24.40
N THR B 87 28.75 -22.46 24.82
CA THR B 87 29.05 -22.45 26.25
C THR B 87 28.44 -21.27 26.99
N ILE B 88 27.85 -20.29 26.29
CA ILE B 88 27.30 -19.12 26.98
C ILE B 88 25.92 -19.37 27.55
N HIS B 89 25.25 -20.44 27.16
CA HIS B 89 23.93 -20.76 27.71
C HIS B 89 23.93 -22.17 28.30
N GLU B 97 17.43 -28.76 21.23
CA GLU B 97 16.91 -27.49 20.70
C GLU B 97 17.55 -27.15 19.36
N PRO B 98 16.77 -26.54 18.47
CA PRO B 98 17.30 -26.21 17.14
C PRO B 98 18.44 -25.22 17.21
N GLU B 99 19.30 -25.25 16.20
CA GLU B 99 20.40 -24.30 16.16
C GLU B 99 19.93 -22.87 15.94
N VAL B 100 19.01 -22.68 14.99
CA VAL B 100 18.60 -21.36 14.54
C VAL B 100 17.27 -21.05 15.23
N LYS B 101 17.28 -20.05 16.09
CA LYS B 101 16.10 -19.56 16.79
C LYS B 101 15.93 -18.08 16.48
N THR B 102 14.69 -17.63 16.32
CA THR B 102 14.40 -16.23 16.01
C THR B 102 13.16 -15.76 16.77
N VAL B 103 13.16 -14.47 17.08
CA VAL B 103 12.01 -13.76 17.66
C VAL B 103 12.24 -12.27 17.44
N VAL B 104 11.18 -11.54 17.16
CA VAL B 104 11.28 -10.13 16.75
C VAL B 104 10.82 -9.23 17.89
N HIS B 105 11.68 -8.28 18.25
CA HIS B 105 11.39 -7.26 19.25
C HIS B 105 11.20 -5.92 18.54
N LEU B 106 10.04 -5.30 18.74
CA LEU B 106 9.81 -3.94 18.24
C LEU B 106 10.41 -3.00 19.26
N HIS B 107 11.55 -2.43 18.92
CA HIS B 107 12.37 -1.70 19.87
C HIS B 107 11.75 -0.31 20.09
N GLY B 108 11.36 -0.02 21.32
CA GLY B 108 10.63 1.18 21.60
C GLY B 108 9.12 1.01 21.59
N GLY B 109 8.62 -0.18 21.26
CA GLY B 109 7.19 -0.37 21.19
C GLY B 109 6.56 -0.41 22.58
N VAL B 110 5.38 0.19 22.68
CA VAL B 110 4.54 0.08 23.88
C VAL B 110 3.60 -1.09 23.61
N THR B 111 4.00 -2.26 24.09
CA THR B 111 3.57 -3.53 23.53
C THR B 111 3.19 -4.46 24.68
N PRO B 112 2.06 -5.16 24.59
CA PRO B 112 1.76 -6.18 25.60
C PRO B 112 2.89 -7.19 25.66
N ASP B 113 3.12 -7.75 26.86
CA ASP B 113 4.34 -8.53 27.06
C ASP B 113 4.43 -9.74 26.11
N ASP B 114 3.29 -10.35 25.76
CA ASP B 114 3.39 -11.53 24.90
C ASP B 114 3.63 -11.19 23.44
N SER B 115 3.66 -9.91 23.07
CA SER B 115 4.05 -9.51 21.73
C SER B 115 5.38 -8.75 21.70
N ASP B 116 6.09 -8.67 22.82
CA ASP B 116 7.26 -7.82 22.90
C ASP B 116 8.53 -8.48 22.35
N GLY B 117 8.52 -9.78 22.10
CA GLY B 117 9.71 -10.44 21.56
C GLY B 117 10.63 -10.95 22.67
N TYR B 118 10.04 -11.53 23.71
CA TYR B 118 10.82 -12.06 24.83
C TYR B 118 11.90 -13.02 24.32
N PRO B 119 13.12 -12.95 24.85
CA PRO B 119 14.19 -13.78 24.27
C PRO B 119 13.91 -15.27 24.36
N GLU B 120 13.09 -15.71 25.32
CA GLU B 120 12.75 -17.12 25.46
C GLU B 120 11.45 -17.49 24.75
N ALA B 121 10.91 -16.59 23.90
CA ALA B 121 9.75 -16.88 23.05
C ALA B 121 10.16 -17.13 21.61
N TRP B 122 11.39 -17.58 21.38
CA TRP B 122 11.89 -17.78 20.02
C TRP B 122 11.16 -18.94 19.34
N PHE B 123 11.37 -19.06 18.02
CA PHE B 123 10.83 -20.14 17.22
C PHE B 123 11.81 -20.49 16.09
N SER B 124 11.77 -21.74 15.65
CA SER B 124 12.52 -22.16 14.48
C SER B 124 11.65 -22.01 13.23
N LYS B 125 12.20 -22.43 12.09
CA LYS B 125 11.47 -22.41 10.83
C LYS B 125 10.07 -22.99 10.99
N ASP B 126 9.06 -22.26 10.50
CA ASP B 126 7.65 -22.68 10.50
C ASP B 126 7.14 -22.98 11.90
N PHE B 127 7.70 -22.34 12.93
CA PHE B 127 7.31 -22.57 14.32
C PHE B 127 7.38 -24.05 14.72
N GLU B 128 8.20 -24.85 14.03
CA GLU B 128 8.25 -26.28 14.33
C GLU B 128 8.75 -26.54 15.76
N GLN B 129 9.60 -25.68 16.30
CA GLN B 129 10.04 -25.77 17.69
C GLN B 129 10.07 -24.37 18.24
N THR B 130 9.75 -24.22 19.53
CA THR B 130 9.60 -22.91 20.13
C THR B 130 10.15 -22.93 21.55
N GLY B 131 10.55 -21.76 22.04
CA GLY B 131 11.10 -21.64 23.37
C GLY B 131 10.04 -21.66 24.44
N PRO B 132 10.50 -21.71 25.69
CA PRO B 132 9.56 -21.94 26.82
C PRO B 132 8.50 -20.86 26.98
N TYR B 133 8.73 -19.65 26.49
CA TYR B 133 7.74 -18.58 26.63
C TYR B 133 6.96 -18.34 25.36
N PHE B 134 7.04 -19.25 24.39
CA PHE B 134 6.34 -19.01 23.14
C PHE B 134 4.84 -19.06 23.38
N LYS B 135 4.12 -18.08 22.84
CA LYS B 135 2.70 -17.94 23.12
C LYS B 135 1.87 -17.73 21.86
N ARG B 136 2.31 -16.85 20.98
CA ARG B 136 1.49 -16.49 19.83
C ARG B 136 2.35 -16.32 18.58
N GLU B 137 1.75 -16.64 17.42
CA GLU B 137 2.41 -16.43 16.15
C GLU B 137 2.26 -15.00 15.64
N VAL B 138 1.12 -14.36 15.90
CA VAL B 138 0.83 -13.02 15.38
C VAL B 138 0.97 -12.03 16.53
N TYR B 139 1.87 -11.07 16.37
CA TYR B 139 2.12 -10.08 17.40
C TYR B 139 1.17 -8.89 17.25
N HIS B 140 0.87 -8.24 18.37
CA HIS B 140 -0.11 -7.16 18.44
C HIS B 140 0.58 -5.88 18.89
N TYR B 141 0.54 -4.85 18.03
CA TYR B 141 1.10 -3.53 18.32
C TYR B 141 0.00 -2.48 18.31
N PRO B 142 -0.56 -2.11 19.47
CA PRO B 142 -1.62 -1.09 19.48
C PRO B 142 -1.11 0.32 19.15
N ASN B 143 0.20 0.56 19.22
CA ASN B 143 0.78 1.86 18.83
C ASN B 143 0.19 3.05 19.59
N GLN B 144 -0.18 2.85 20.86
CA GLN B 144 -0.79 3.93 21.64
C GLN B 144 0.29 4.73 22.36
N GLN B 145 1.06 5.48 21.57
CA GLN B 145 2.29 6.08 22.06
C GLN B 145 2.65 7.25 21.15
N ARG B 146 3.64 8.03 21.58
CA ARG B 146 4.02 9.21 20.79
C ARG B 146 4.61 8.80 19.45
N GLY B 147 4.45 9.67 18.46
CA GLY B 147 5.15 9.46 17.20
C GLY B 147 6.64 9.41 17.44
N ALA B 148 7.33 8.53 16.70
CA ALA B 148 8.75 8.35 17.00
C ALA B 148 9.36 7.38 15.99
N ILE B 149 10.69 7.39 15.93
CA ILE B 149 11.46 6.38 15.20
C ILE B 149 11.60 5.16 16.10
N LEU B 150 10.96 4.06 15.74
CA LEU B 150 11.25 2.78 16.36
C LEU B 150 12.08 1.96 15.37
N TRP B 151 12.50 0.76 15.78
CA TRP B 151 13.06 -0.21 14.83
C TRP B 151 12.80 -1.63 15.33
N TYR B 152 12.82 -2.58 14.42
CA TYR B 152 12.60 -3.97 14.79
C TYR B 152 13.83 -4.81 14.43
N HIS B 153 14.09 -5.82 15.26
CA HIS B 153 15.30 -6.61 15.10
C HIS B 153 15.17 -7.92 15.89
N ASP B 154 16.03 -8.88 15.56
CA ASP B 154 15.97 -10.17 16.23
C ASP B 154 16.39 -10.04 17.70
N HIS B 155 15.85 -10.92 18.53
CA HIS B 155 16.09 -10.84 19.97
C HIS B 155 16.23 -12.21 20.62
N ALA B 156 16.54 -13.25 19.84
CA ALA B 156 16.50 -14.62 20.37
C ALA B 156 17.63 -14.89 21.37
N MET B 157 17.27 -15.59 22.44
CA MET B 157 18.17 -15.94 23.53
C MET B 157 19.51 -16.45 23.01
N ALA B 158 20.60 -15.80 23.41
CA ALA B 158 21.97 -16.24 23.17
C ALA B 158 22.40 -16.13 21.70
N LEU B 159 21.54 -15.66 20.81
CA LEU B 159 21.87 -15.55 19.39
C LEU B 159 21.72 -14.14 18.85
N THR B 160 21.39 -13.16 19.70
CA THR B 160 21.02 -11.86 19.18
C THR B 160 22.15 -11.22 18.39
N ARG B 161 23.40 -11.32 18.88
CA ARG B 161 24.50 -10.68 18.17
C ARG B 161 24.70 -11.25 16.77
N LEU B 162 24.40 -12.54 16.58
CA LEU B 162 24.57 -13.19 15.28
C LEU B 162 23.37 -12.98 14.36
N ASN B 163 22.15 -13.06 14.89
CA ASN B 163 20.98 -12.86 14.03
C ASN B 163 20.91 -11.42 13.55
N VAL B 164 21.17 -10.45 14.43
CA VAL B 164 21.21 -9.05 14.01
C VAL B 164 22.33 -8.82 13.01
N TYR B 165 23.54 -9.32 13.31
CA TYR B 165 24.64 -9.16 12.36
C TYR B 165 24.31 -9.77 11.00
N ALA B 166 23.53 -10.85 10.98
CA ALA B 166 23.19 -11.49 9.73
C ALA B 166 22.31 -10.62 8.85
N GLY B 167 21.63 -9.64 9.43
CA GLY B 167 20.84 -8.70 8.63
C GLY B 167 19.44 -8.45 9.15
N LEU B 168 19.06 -9.05 10.28
CA LEU B 168 17.66 -8.97 10.72
C LEU B 168 17.44 -7.69 11.52
N VAL B 169 17.36 -6.57 10.79
CA VAL B 169 17.07 -5.23 11.31
C VAL B 169 16.19 -4.48 10.32
N GLY B 170 15.37 -3.56 10.83
CA GLY B 170 14.55 -2.69 10.00
C GLY B 170 13.94 -1.56 10.80
N ALA B 171 13.46 -0.54 10.08
CA ALA B 171 12.88 0.63 10.72
C ALA B 171 11.36 0.53 10.80
N TYR B 172 10.81 1.17 11.82
CA TYR B 172 9.37 1.22 12.09
C TYR B 172 9.07 2.64 12.56
N ILE B 173 8.28 3.38 11.79
CA ILE B 173 7.98 4.79 12.11
C ILE B 173 6.52 4.93 12.52
N ILE B 174 6.30 5.56 13.67
CA ILE B 174 4.96 5.92 14.13
C ILE B 174 4.74 7.40 13.83
N HIS B 175 3.71 7.69 13.01
CA HIS B 175 3.34 9.05 12.64
C HIS B 175 2.15 9.50 13.47
N ASP B 176 2.29 10.64 14.16
CA ASP B 176 1.21 11.24 14.93
C ASP B 176 0.59 12.36 14.10
N PRO B 177 -0.65 12.22 13.62
CA PRO B 177 -1.23 13.28 12.77
C PRO B 177 -1.20 14.65 13.42
N LYS B 178 -1.27 14.71 14.75
CA LYS B 178 -1.22 15.99 15.44
C LYS B 178 0.10 16.73 15.23
N GLU B 179 1.14 16.04 14.74
CA GLU B 179 2.43 16.68 14.55
C GLU B 179 2.55 17.34 13.18
N LYS B 180 1.61 17.06 12.27
CA LYS B 180 1.74 17.53 10.91
C LYS B 180 1.74 19.05 10.82
N ARG B 181 1.09 19.73 11.79
CA ARG B 181 1.06 21.20 11.78
C ARG B 181 2.42 21.84 11.97
N LEU B 182 3.42 21.09 12.42
CA LEU B 182 4.77 21.63 12.57
C LEU B 182 5.44 21.88 11.24
N LYS B 183 4.95 21.27 10.16
CA LYS B 183 5.48 21.52 8.82
C LYS B 183 6.92 21.03 8.68
N LEU B 184 7.28 20.00 9.45
CA LEU B 184 8.61 19.41 9.32
C LEU B 184 8.79 18.81 7.93
N PRO B 185 10.02 18.73 7.43
CA PRO B 185 10.25 18.09 6.13
C PRO B 185 9.61 16.70 6.10
N SER B 186 8.94 16.38 4.99
CA SER B 186 8.13 15.17 4.92
C SER B 186 8.26 14.51 3.55
N ASP B 187 7.64 13.34 3.45
CA ASP B 187 7.51 12.61 2.19
C ASP B 187 8.93 12.35 1.67
N GLU B 188 9.24 12.67 0.42
CA GLU B 188 10.55 12.31 -0.10
C GLU B 188 11.68 13.05 0.60
N TYR B 189 11.39 14.12 1.35
CA TYR B 189 12.44 14.82 2.09
C TYR B 189 12.57 14.31 3.52
N ASP B 190 12.03 13.12 3.79
CA ASP B 190 12.06 12.47 5.10
C ASP B 190 12.64 11.08 4.87
N VAL B 191 13.87 10.87 5.29
CA VAL B 191 14.69 9.74 4.83
C VAL B 191 15.30 8.97 6.02
N PRO B 192 15.10 7.66 6.11
CA PRO B 192 15.74 6.88 7.18
C PRO B 192 17.19 6.58 6.86
N LEU B 193 18.03 6.64 7.89
CA LEU B 193 19.45 6.28 7.79
C LEU B 193 19.80 5.20 8.83
N LEU B 194 19.79 3.93 8.42
CA LEU B 194 20.14 2.81 9.31
C LEU B 194 21.62 2.49 9.13
N ILE B 195 22.41 2.73 10.18
CA ILE B 195 23.86 2.56 10.12
C ILE B 195 24.25 1.21 10.72
N THR B 196 25.00 0.40 9.96
CA THR B 196 25.52 -0.88 10.45
C THR B 196 26.97 -1.02 10.02
N ASP B 197 27.87 -1.33 10.95
CA ASP B 197 29.22 -1.63 10.49
C ASP B 197 29.39 -3.13 10.28
N ARG B 198 30.25 -3.48 9.32
CA ARG B 198 30.40 -4.86 8.86
C ARG B 198 31.88 -5.08 8.51
N THR B 199 32.26 -6.35 8.53
CA THR B 199 33.53 -6.77 7.94
C THR B 199 33.21 -7.78 6.84
N ILE B 200 33.68 -7.51 5.63
CA ILE B 200 33.29 -8.26 4.44
C ILE B 200 34.55 -8.86 3.83
N ASN B 201 34.53 -10.17 3.60
CA ASN B 201 35.63 -10.90 2.99
C ASN B 201 35.80 -10.49 1.51
N GLU B 202 36.95 -10.88 0.95
CA GLU B 202 37.27 -10.54 -0.44
C GLU B 202 36.21 -11.06 -1.40
N ASP B 203 35.63 -12.21 -1.10
CA ASP B 203 34.60 -12.88 -1.88
C ASP B 203 33.18 -12.40 -1.55
N GLY B 204 33.03 -11.27 -0.84
CA GLY B 204 31.72 -10.70 -0.56
C GLY B 204 30.93 -11.32 0.58
N SER B 205 31.38 -12.43 1.17
CA SER B 205 30.68 -12.96 2.33
C SER B 205 31.06 -12.18 3.59
N LEU B 206 30.14 -12.19 4.56
CA LEU B 206 30.36 -11.47 5.81
C LEU B 206 31.31 -12.24 6.72
N PHE B 207 32.17 -11.51 7.42
CA PHE B 207 33.03 -12.11 8.44
C PHE B 207 32.56 -11.68 9.82
N TYR B 208 32.45 -12.65 10.72
CA TYR B 208 32.23 -12.40 12.13
C TYR B 208 33.18 -13.30 12.91
N PRO B 209 33.89 -12.78 13.92
CA PRO B 209 34.98 -13.54 14.53
C PRO B 209 34.49 -14.75 15.30
N SER B 210 35.24 -15.85 15.19
CA SER B 210 34.94 -17.10 15.87
C SER B 210 35.54 -17.18 17.27
N ALA B 211 36.33 -16.18 17.65
CA ALA B 211 36.96 -16.19 18.96
C ALA B 211 37.76 -14.90 19.11
N PRO B 212 38.14 -14.57 20.34
CA PRO B 212 39.09 -13.47 20.54
C PRO B 212 40.38 -13.76 19.79
N GLU B 213 41.10 -12.68 19.51
CA GLU B 213 42.46 -12.78 18.99
C GLU B 213 43.36 -13.52 19.97
N ASN B 214 44.33 -14.24 19.42
CA ASN B 214 45.38 -14.89 20.20
C ASN B 214 44.83 -15.66 21.40
N PRO B 215 43.88 -16.57 21.17
CA PRO B 215 43.15 -17.18 22.29
C PRO B 215 44.00 -18.20 23.03
N SER B 216 43.62 -18.45 24.27
CA SER B 216 44.15 -19.60 24.97
C SER B 216 43.73 -20.88 24.25
N PRO B 217 44.62 -21.87 24.13
CA PRO B 217 44.20 -23.16 23.53
C PRO B 217 43.05 -23.81 24.26
N SER B 218 42.79 -23.44 25.51
CA SER B 218 41.69 -23.97 26.29
C SER B 218 40.39 -23.21 26.08
N LEU B 219 40.45 -22.03 25.49
CA LEU B 219 39.24 -21.27 25.20
C LEU B 219 38.30 -22.10 24.32
N PRO B 220 37.00 -22.10 24.62
CA PRO B 220 36.05 -22.73 23.69
C PRO B 220 36.20 -22.16 22.29
N ASN B 221 35.84 -22.98 21.30
CA ASN B 221 36.09 -22.66 19.89
C ASN B 221 34.92 -23.23 19.09
N PRO B 222 33.99 -22.38 18.64
CA PRO B 222 33.99 -20.90 18.69
C PRO B 222 33.84 -20.33 20.09
N SER B 223 34.18 -19.05 20.25
CA SER B 223 34.00 -18.36 21.51
C SER B 223 33.42 -16.98 21.26
N ILE B 224 32.43 -16.61 22.07
CA ILE B 224 31.91 -15.25 22.09
C ILE B 224 33.08 -14.29 22.25
N VAL B 225 32.97 -13.10 21.62
CA VAL B 225 33.92 -12.03 21.88
C VAL B 225 33.18 -10.92 22.60
N PRO B 226 33.86 -10.07 23.38
CA PRO B 226 33.16 -9.02 24.13
C PRO B 226 32.89 -7.75 23.34
N ALA B 227 33.28 -7.68 22.07
CA ALA B 227 33.05 -6.50 21.24
C ALA B 227 33.27 -6.88 19.79
N PHE B 228 32.47 -6.31 18.89
CA PHE B 228 32.75 -6.43 17.47
C PHE B 228 32.85 -5.05 16.84
N CYS B 229 33.96 -4.81 16.13
CA CYS B 229 34.19 -3.56 15.41
C CYS B 229 34.39 -3.89 13.94
N GLY B 230 33.46 -3.45 13.10
CA GLY B 230 33.54 -3.75 11.68
C GLY B 230 34.51 -2.84 10.97
N GLU B 231 35.10 -3.37 9.89
CA GLU B 231 36.04 -2.60 9.09
C GLU B 231 35.34 -1.59 8.19
N THR B 232 34.09 -1.87 7.81
CA THR B 232 33.36 -1.08 6.84
C THR B 232 32.09 -0.51 7.47
N ILE B 233 31.68 0.68 7.05
CA ILE B 233 30.43 1.29 7.50
C ILE B 233 29.43 1.22 6.37
N LEU B 234 28.19 0.81 6.69
CA LEU B 234 27.11 0.72 5.72
C LEU B 234 25.93 1.59 6.15
N VAL B 235 25.22 2.16 5.17
CA VAL B 235 23.98 2.86 5.46
C VAL B 235 22.90 2.34 4.53
N ASN B 236 21.79 1.90 5.12
CA ASN B 236 20.71 1.29 4.35
C ASN B 236 21.23 0.18 3.45
N GLY B 237 22.17 -0.60 3.97
CA GLY B 237 22.61 -1.81 3.29
C GLY B 237 23.64 -1.64 2.20
N LYS B 238 24.26 -0.48 2.06
CA LYS B 238 25.32 -0.27 1.08
C LYS B 238 26.54 0.38 1.75
N VAL B 239 27.73 -0.02 1.30
CA VAL B 239 28.98 0.50 1.84
C VAL B 239 29.13 1.96 1.42
N TRP B 240 29.46 2.82 2.40
CA TRP B 240 29.84 4.23 2.23
C TRP B 240 29.13 4.88 1.05
N PRO B 241 27.80 5.00 1.08
CA PRO B 241 27.04 5.44 -0.10
C PRO B 241 27.05 6.96 -0.25
N TYR B 242 26.46 7.44 -1.35
CA TYR B 242 26.18 8.85 -1.54
C TYR B 242 24.69 9.07 -1.71
N LEU B 243 24.22 10.24 -1.29
CA LEU B 243 22.85 10.67 -1.49
C LEU B 243 22.87 12.05 -2.14
N GLU B 244 22.29 12.16 -3.33
CA GLU B 244 22.10 13.45 -3.95
C GLU B 244 20.86 14.12 -3.37
N VAL B 245 21.03 15.34 -2.87
CA VAL B 245 19.97 16.09 -2.24
C VAL B 245 19.80 17.44 -2.95
N GLU B 246 18.72 18.12 -2.63
CA GLU B 246 18.40 19.47 -3.07
C GLU B 246 18.81 20.48 -2.01
N PRO B 247 19.02 21.74 -2.40
CA PRO B 247 19.39 22.81 -1.43
C PRO B 247 18.21 23.26 -0.60
N ARG B 248 17.75 22.37 0.28
CA ARG B 248 16.59 22.65 1.12
C ARG B 248 16.70 21.79 2.38
N LYS B 249 15.67 21.87 3.22
CA LYS B 249 15.68 21.14 4.48
C LYS B 249 15.25 19.70 4.26
N TYR B 250 15.90 18.79 4.98
CA TYR B 250 15.66 17.35 4.90
C TYR B 250 15.46 16.81 6.31
N ARG B 251 14.65 15.76 6.43
CA ARG B 251 14.49 15.05 7.69
C ARG B 251 15.18 13.69 7.57
N PHE B 252 15.99 13.33 8.57
CA PHE B 252 16.68 12.06 8.59
C PHE B 252 16.37 11.34 9.89
N ARG B 253 15.97 10.08 9.78
CA ARG B 253 15.71 9.21 10.92
C ARG B 253 16.95 8.32 11.10
N VAL B 254 17.82 8.69 12.03
CA VAL B 254 19.13 8.03 12.17
C VAL B 254 19.03 6.93 13.21
N ILE B 255 19.26 5.69 12.78
CA ILE B 255 19.18 4.51 13.64
C ILE B 255 20.54 3.84 13.66
N ASN B 256 21.09 3.61 14.85
CA ASN B 256 22.32 2.83 14.98
C ASN B 256 21.94 1.38 15.21
N ALA B 257 22.04 0.57 14.15
CA ALA B 257 21.73 -0.86 14.19
C ALA B 257 22.99 -1.73 14.23
N SER B 258 24.09 -1.21 14.78
CA SER B 258 25.36 -1.93 14.86
C SER B 258 25.43 -2.74 16.15
N ASN B 259 26.23 -3.81 16.12
CA ASN B 259 26.37 -4.70 17.28
C ASN B 259 26.99 -4.00 18.47
N THR B 260 28.09 -3.29 18.26
CA THR B 260 28.88 -2.66 19.31
C THR B 260 29.15 -1.18 19.07
N ARG B 261 29.45 -0.80 17.83
CA ARG B 261 30.06 0.47 17.49
C ARG B 261 29.20 1.65 17.90
N THR B 262 29.83 2.62 18.57
CA THR B 262 29.27 3.94 18.79
C THR B 262 29.78 4.90 17.73
N TYR B 263 28.91 5.77 17.24
CA TYR B 263 29.33 6.76 16.25
C TYR B 263 29.32 8.13 16.90
N ASN B 264 30.23 8.99 16.46
CA ASN B 264 30.18 10.40 16.80
C ASN B 264 30.20 11.16 15.48
N LEU B 265 29.04 11.71 15.11
CA LEU B 265 28.80 12.17 13.75
C LEU B 265 28.99 13.68 13.62
N SER B 266 29.47 14.10 12.45
CA SER B 266 29.59 15.52 12.13
C SER B 266 29.55 15.69 10.62
N LEU B 267 29.47 16.93 10.18
CA LEU B 267 29.52 17.26 8.76
C LEU B 267 30.84 17.93 8.42
N ASP B 268 31.54 17.41 7.41
CA ASP B 268 32.92 17.85 7.18
C ASP B 268 33.01 19.24 6.58
N ASN B 269 31.89 19.89 6.30
CA ASN B 269 31.87 21.32 5.99
C ASN B 269 31.53 22.17 7.21
N GLY B 270 31.44 21.57 8.39
CA GLY B 270 31.14 22.28 9.61
C GLY B 270 29.71 22.77 9.75
N GLY B 271 28.80 22.32 8.89
CA GLY B 271 27.40 22.62 9.10
C GLY B 271 26.85 21.95 10.35
N ASP B 272 25.70 22.42 10.80
CA ASP B 272 25.10 21.89 12.02
C ASP B 272 23.97 20.92 11.71
N PHE B 273 23.79 19.94 12.60
CA PHE B 273 22.54 19.21 12.68
C PHE B 273 21.54 19.99 13.52
N ILE B 274 20.27 19.89 13.18
CA ILE B 274 19.20 20.34 14.07
C ILE B 274 18.46 19.10 14.57
N GLN B 275 18.67 18.74 15.84
CA GLN B 275 17.96 17.57 16.35
C GLN B 275 16.55 17.96 16.74
N ILE B 276 15.58 17.17 16.31
CA ILE B 276 14.19 17.42 16.63
C ILE B 276 13.55 16.29 17.44
N GLY B 277 14.16 15.11 17.52
CA GLY B 277 13.58 14.00 18.26
C GLY B 277 14.63 13.01 18.73
N SER B 278 14.24 12.24 19.75
CA SER B 278 15.06 11.20 20.36
C SER B 278 14.29 9.86 20.27
N ASP B 279 14.82 8.82 20.91
CA ASP B 279 14.17 7.50 20.88
C ASP B 279 12.66 7.60 21.02
N GLY B 280 12.19 8.36 22.01
CA GLY B 280 10.80 8.36 22.39
C GLY B 280 9.97 9.49 21.80
N GLY B 281 10.47 10.17 20.78
CA GLY B 281 9.66 11.11 20.04
C GLY B 281 10.27 12.50 20.02
N LEU B 282 9.48 13.46 19.56
CA LEU B 282 10.00 14.80 19.38
C LEU B 282 10.52 15.37 20.69
N LEU B 283 11.66 16.05 20.63
CA LEU B 283 12.18 16.74 21.81
C LEU B 283 11.22 17.84 22.24
N PRO B 284 11.37 18.37 23.46
CA PRO B 284 10.56 19.54 23.82
C PRO B 284 10.98 20.77 23.02
N ARG B 285 12.24 20.85 22.63
CA ARG B 285 12.78 21.96 21.85
C ARG B 285 13.91 21.43 21.00
N SER B 286 14.01 21.92 19.77
CA SER B 286 15.07 21.47 18.89
C SER B 286 16.41 22.05 19.33
N VAL B 287 17.49 21.43 18.84
CA VAL B 287 18.84 21.70 19.30
C VAL B 287 19.75 21.71 18.08
N LYS B 288 20.53 22.77 17.94
CA LYS B 288 21.58 22.83 16.91
C LYS B 288 22.83 22.17 17.47
N LEU B 289 23.43 21.29 16.67
CA LEU B 289 24.54 20.47 17.14
C LEU B 289 25.61 20.42 16.06
N ASN B 290 26.86 20.59 16.47
CA ASN B 290 27.97 20.41 15.54
C ASN B 290 28.32 18.94 15.37
N SER B 291 28.00 18.13 16.38
CA SER B 291 28.20 16.68 16.32
C SER B 291 27.32 16.04 17.40
N PHE B 292 27.16 14.72 17.31
CA PHE B 292 26.45 14.01 18.35
C PHE B 292 26.91 12.56 18.39
N SER B 293 26.81 11.95 19.59
CA SER B 293 27.13 10.55 19.81
C SER B 293 25.91 9.66 19.64
N LEU B 294 26.10 8.53 18.97
CA LEU B 294 25.01 7.63 18.64
C LEU B 294 25.43 6.22 18.99
N ALA B 295 25.00 5.71 20.15
CA ALA B 295 25.34 4.36 20.55
C ALA B 295 24.38 3.33 19.95
N PRO B 296 24.73 2.05 20.05
CA PRO B 296 23.83 0.97 19.59
C PRO B 296 22.39 1.12 20.06
N ALA B 297 21.45 1.09 19.11
CA ALA B 297 20.01 1.14 19.32
C ALA B 297 19.49 2.55 19.61
N GLU B 298 20.35 3.56 19.73
CA GLU B 298 19.86 4.94 19.86
C GLU B 298 19.36 5.45 18.52
N ARG B 299 18.36 6.34 18.57
CA ARG B 299 17.81 6.97 17.37
C ARG B 299 17.84 8.49 17.53
N TYR B 300 18.25 9.18 16.48
CA TYR B 300 18.25 10.64 16.40
C TYR B 300 17.35 11.07 15.25
N ASP B 301 16.33 11.89 15.53
CA ASP B 301 15.51 12.52 14.50
C ASP B 301 16.08 13.93 14.30
N ILE B 302 16.63 14.18 13.11
CA ILE B 302 17.38 15.41 12.82
C ILE B 302 16.89 16.06 11.53
N ILE B 303 17.09 17.37 11.45
CA ILE B 303 16.98 18.12 10.21
C ILE B 303 18.38 18.53 9.79
N ILE B 304 18.70 18.34 8.52
CA ILE B 304 19.89 18.95 7.94
C ILE B 304 19.45 19.96 6.90
N ASP B 305 19.84 21.22 7.08
CA ASP B 305 19.43 22.31 6.19
C ASP B 305 20.48 22.46 5.10
N PHE B 306 20.15 22.00 3.89
CA PHE B 306 21.07 22.09 2.77
C PHE B 306 20.93 23.40 1.99
N THR B 307 20.02 24.30 2.38
CA THR B 307 19.75 25.46 1.52
C THR B 307 21.04 26.23 1.22
N ALA B 308 21.89 26.44 2.22
CA ALA B 308 23.08 27.27 2.08
C ALA B 308 24.31 26.50 1.57
N TYR B 309 24.15 25.30 1.03
CA TYR B 309 25.30 24.49 0.60
C TYR B 309 25.17 24.02 -0.84
N GLU B 310 24.37 24.71 -1.65
CA GLU B 310 24.16 24.33 -3.04
C GLU B 310 25.48 23.99 -3.73
N GLY B 311 25.51 22.81 -4.36
CA GLY B 311 26.67 22.34 -5.08
C GLY B 311 27.74 21.62 -4.26
N GLU B 312 27.71 21.74 -2.93
CA GLU B 312 28.78 21.17 -2.11
C GLU B 312 28.71 19.65 -2.06
N SER B 313 29.86 19.05 -1.75
CA SER B 313 29.94 17.65 -1.35
C SER B 313 30.28 17.60 0.13
N ILE B 314 29.47 16.88 0.92
CA ILE B 314 29.61 16.89 2.36
C ILE B 314 29.68 15.45 2.84
N ILE B 315 30.75 15.10 3.55
CA ILE B 315 30.90 13.79 4.15
C ILE B 315 30.30 13.82 5.55
N LEU B 316 29.46 12.82 5.86
CA LEU B 316 29.01 12.54 7.21
C LEU B 316 30.12 11.75 7.90
N ALA B 317 30.86 12.41 8.78
CA ALA B 317 32.09 11.86 9.30
C ALA B 317 31.88 11.28 10.70
N ASN B 318 32.75 10.34 11.05
CA ASN B 318 32.71 9.70 12.37
C ASN B 318 34.06 9.90 13.06
N SER B 319 34.02 10.29 14.33
CA SER B 319 35.26 10.48 15.07
C SER B 319 35.46 9.50 16.23
N ALA B 320 34.42 8.73 16.60
CA ALA B 320 34.52 7.81 17.72
C ALA B 320 35.32 6.56 17.36
N GLY B 321 36.19 6.13 18.25
CA GLY B 321 36.91 4.91 18.02
C GLY B 321 36.08 3.67 18.30
N CYS B 322 36.50 2.55 17.74
CA CYS B 322 35.97 1.22 18.06
C CYS B 322 37.17 0.28 18.10
N GLY B 323 37.66 -0.01 19.30
CA GLY B 323 38.86 -0.84 19.47
C GLY B 323 40.10 -0.23 18.88
N GLY B 324 40.16 1.08 18.77
CA GLY B 324 41.27 1.81 18.17
C GLY B 324 40.76 3.11 17.59
N ASP B 325 41.69 4.01 17.29
CA ASP B 325 41.31 5.30 16.71
C ASP B 325 40.75 5.07 15.30
N VAL B 326 39.89 6.00 14.87
CA VAL B 326 39.27 5.83 13.56
C VAL B 326 40.33 5.97 12.47
N ASN B 327 40.09 5.30 11.36
CA ASN B 327 40.97 5.35 10.20
C ASN B 327 40.38 6.35 9.23
N PRO B 328 41.03 7.52 9.00
CA PRO B 328 40.47 8.52 8.09
C PRO B 328 40.02 7.96 6.75
N GLU B 329 40.59 6.83 6.34
CA GLU B 329 40.28 6.19 5.06
C GLU B 329 39.07 5.26 5.13
N THR B 330 38.68 4.82 6.32
CA THR B 330 37.58 3.87 6.42
C THR B 330 36.55 4.37 7.44
N ASP B 331 36.58 3.86 8.66
CA ASP B 331 35.49 4.15 9.60
C ASP B 331 35.45 5.59 10.05
N ALA B 332 36.28 6.52 9.55
CA ALA B 332 36.00 7.92 9.81
C ALA B 332 34.90 8.47 8.91
N ASN B 333 34.44 7.67 7.95
CA ASN B 333 33.45 8.05 6.94
C ASN B 333 32.17 7.24 7.12
N ILE B 334 31.02 7.91 7.04
CA ILE B 334 29.74 7.20 7.04
C ILE B 334 29.17 7.20 5.63
N MET B 335 28.87 8.41 5.13
CA MET B 335 28.24 8.61 3.82
C MET B 335 28.49 10.05 3.39
N GLN B 336 28.17 10.33 2.12
CA GLN B 336 28.43 11.64 1.51
C GLN B 336 27.16 12.22 0.90
N PHE B 337 26.83 13.47 1.26
CA PHE B 337 25.74 14.19 0.61
C PHE B 337 26.27 15.07 -0.52
N ARG B 338 25.59 15.02 -1.67
CA ARG B 338 25.90 15.85 -2.83
C ARG B 338 24.72 16.77 -3.11
N VAL B 339 24.86 18.05 -2.76
CA VAL B 339 23.75 19.05 -2.92
C VAL B 339 23.71 19.50 -4.38
N THR B 340 23.44 18.58 -5.30
CA THR B 340 23.45 18.86 -6.73
C THR B 340 22.08 18.67 -7.38
N LYS B 341 21.06 18.31 -6.63
CA LYS B 341 19.76 18.04 -7.21
C LYS B 341 19.01 19.36 -7.38
N PRO B 342 18.39 19.59 -8.55
CA PRO B 342 17.68 20.86 -8.76
C PRO B 342 16.54 21.03 -7.76
N LEU B 343 16.49 22.22 -7.14
CA LEU B 343 15.40 22.55 -6.17
C LEU B 343 14.16 22.24 -6.98
N ALA B 344 13.34 21.33 -6.49
CA ALA B 344 12.21 20.83 -7.27
C ALA B 344 11.06 21.81 -7.09
N GLN B 345 10.79 22.22 -5.86
CA GLN B 345 9.74 23.20 -5.56
C GLN B 345 10.21 24.06 -4.41
N LYS B 346 9.49 25.14 -4.15
CA LYS B 346 9.86 26.00 -3.03
C LYS B 346 9.81 25.18 -1.75
N ASP B 347 10.85 25.33 -0.92
CA ASP B 347 10.91 24.64 0.37
C ASP B 347 9.87 25.25 1.29
N GLU B 348 8.75 24.57 1.45
CA GLU B 348 7.71 25.02 2.36
C GLU B 348 7.84 24.45 3.77
N SER B 349 8.84 23.60 4.02
CA SER B 349 8.98 23.01 5.34
C SER B 349 9.56 24.04 6.33
N ARG B 350 9.44 23.71 7.62
CA ARG B 350 9.86 24.59 8.72
C ARG B 350 10.76 23.83 9.68
N LYS B 351 11.47 24.57 10.52
CA LYS B 351 12.31 24.00 11.58
C LYS B 351 12.01 24.67 12.91
N PRO B 352 10.80 24.50 13.42
CA PRO B 352 10.39 25.23 14.62
C PRO B 352 11.32 24.97 15.79
N LYS B 353 11.34 25.93 16.72
CA LYS B 353 12.12 25.77 17.95
C LYS B 353 11.38 24.85 18.93
N TYR B 354 10.16 25.20 19.31
CA TYR B 354 9.43 24.44 20.31
C TYR B 354 8.51 23.44 19.61
N LEU B 355 8.57 22.20 20.05
CA LEU B 355 7.98 21.11 19.30
C LEU B 355 6.91 20.38 20.07
N ALA B 356 7.21 19.95 21.28
CA ALA B 356 6.26 19.35 22.20
C ALA B 356 6.59 19.90 23.57
N SER B 357 5.74 19.61 24.55
CA SER B 357 6.09 19.99 25.91
C SER B 357 5.67 18.90 26.87
N TYR B 358 6.38 18.82 27.98
CA TYR B 358 6.39 17.65 28.84
C TYR B 358 6.21 18.07 30.29
N PRO B 359 6.04 17.09 31.20
CA PRO B 359 6.22 17.35 32.64
C PRO B 359 7.68 17.70 32.95
N GLN B 367 7.87 6.83 43.83
CA GLN B 367 7.25 5.73 44.57
C GLN B 367 8.29 4.74 45.08
N ASN B 368 9.49 4.81 44.50
CA ASN B 368 10.57 3.89 44.85
C ASN B 368 11.82 4.33 44.12
N ILE B 369 12.96 4.01 44.70
CA ILE B 369 14.23 4.24 44.02
C ILE B 369 14.99 2.93 43.98
N ARG B 370 15.88 2.81 43.00
CA ARG B 370 16.56 1.56 42.67
C ARG B 370 18.00 1.88 42.30
N THR B 371 18.96 1.18 42.90
CA THR B 371 20.37 1.30 42.53
C THR B 371 20.81 0.05 41.76
N LEU B 372 21.38 0.27 40.59
CA LEU B 372 21.81 -0.80 39.70
C LEU B 372 23.27 -0.61 39.35
N LYS B 373 24.05 -1.68 39.50
CA LYS B 373 25.50 -1.66 39.29
C LYS B 373 25.83 -2.45 38.04
N LEU B 374 26.53 -1.83 37.11
CA LEU B 374 27.13 -2.55 36.00
C LEU B 374 28.48 -3.11 36.45
N ALA B 375 28.78 -4.33 36.04
CA ALA B 375 30.10 -4.89 36.36
C ALA B 375 30.44 -6.01 35.39
N GLY B 376 31.72 -6.36 35.38
CA GLY B 376 32.19 -7.51 34.62
C GLY B 376 32.87 -8.49 35.57
N THR B 377 32.61 -9.77 35.37
CA THR B 377 33.27 -10.84 36.10
C THR B 377 34.05 -11.68 35.08
N GLN B 378 34.56 -12.83 35.52
CA GLN B 378 35.25 -13.72 34.61
C GLN B 378 34.69 -15.12 34.79
N ASP B 379 34.64 -15.88 33.70
CA ASP B 379 34.16 -17.25 33.79
C ASP B 379 35.34 -18.21 33.94
N GLU B 380 35.04 -19.52 33.93
CA GLU B 380 36.06 -20.55 34.15
C GLU B 380 37.17 -20.54 33.11
N TYR B 381 36.94 -19.96 31.93
CA TYR B 381 37.94 -19.88 30.90
C TYR B 381 38.72 -18.58 30.93
N GLY B 382 38.44 -17.70 31.89
CA GLY B 382 39.12 -16.42 31.94
C GLY B 382 38.45 -15.33 31.12
N ARG B 383 37.33 -15.65 30.43
CA ARG B 383 36.63 -14.68 29.58
C ARG B 383 35.80 -13.71 30.42
N PRO B 384 35.59 -12.50 29.91
CA PRO B 384 34.73 -11.55 30.62
C PRO B 384 33.26 -11.92 30.48
N VAL B 385 32.53 -11.77 31.58
CA VAL B 385 31.07 -11.91 31.63
C VAL B 385 30.51 -10.59 32.14
N LEU B 386 29.70 -9.94 31.30
CA LEU B 386 29.14 -8.63 31.64
C LEU B 386 27.79 -8.83 32.31
N LEU B 387 27.62 -8.24 33.50
CA LEU B 387 26.46 -8.53 34.33
C LEU B 387 25.73 -7.26 34.78
N LEU B 388 24.44 -7.40 34.99
CA LEU B 388 23.60 -6.38 35.62
C LEU B 388 23.42 -6.74 37.10
N ASN B 389 23.89 -5.87 37.98
CA ASN B 389 23.73 -6.02 39.43
C ASN B 389 24.25 -7.36 39.92
N ASN B 390 25.31 -7.86 39.29
CA ASN B 390 25.95 -9.09 39.69
C ASN B 390 24.99 -10.28 39.63
N LYS B 391 24.01 -10.24 38.75
CA LYS B 391 23.07 -11.33 38.56
C LYS B 391 23.17 -11.87 37.14
N ARG B 392 22.89 -13.16 37.00
CA ARG B 392 22.76 -13.81 35.70
C ARG B 392 21.32 -13.70 35.19
N TRP B 393 21.15 -13.86 33.88
CA TRP B 393 19.81 -13.92 33.29
C TRP B 393 18.91 -14.89 34.04
N HIS B 394 19.39 -16.09 34.30
CA HIS B 394 18.54 -17.15 34.84
C HIS B 394 18.31 -17.06 36.35
N ASP B 395 18.89 -16.08 37.04
CA ASP B 395 18.60 -15.90 38.45
C ASP B 395 17.17 -15.36 38.65
N PRO B 396 16.56 -15.64 39.80
CA PRO B 396 15.21 -15.12 40.04
C PRO B 396 15.13 -13.61 39.82
N VAL B 397 14.01 -13.16 39.24
CA VAL B 397 13.87 -11.75 38.87
C VAL B 397 13.98 -10.89 40.13
N THR B 398 14.68 -9.76 40.00
CA THR B 398 14.77 -8.80 41.10
C THR B 398 14.20 -7.43 40.78
N GLU B 399 14.04 -7.07 39.51
CA GLU B 399 13.51 -5.76 39.14
C GLU B 399 12.01 -5.95 38.93
N THR B 400 11.23 -5.55 39.94
CA THR B 400 9.82 -5.91 40.01
C THR B 400 8.97 -4.69 40.35
N PRO B 401 9.07 -3.62 39.55
CA PRO B 401 8.24 -2.43 39.79
C PRO B 401 6.74 -2.70 39.63
N LYS B 402 5.93 -1.95 40.36
CA LYS B 402 4.48 -2.09 40.29
C LYS B 402 3.92 -1.23 39.16
N VAL B 403 2.92 -1.77 38.45
CA VAL B 403 2.34 -1.02 37.34
C VAL B 403 1.85 0.33 37.84
N GLY B 404 1.99 1.35 36.99
CA GLY B 404 1.52 2.68 37.30
C GLY B 404 2.44 3.50 38.19
N THR B 405 3.42 2.89 38.84
CA THR B 405 4.32 3.64 39.71
C THR B 405 5.51 4.17 38.94
N THR B 406 6.11 5.22 39.48
CA THR B 406 7.30 5.85 38.90
C THR B 406 8.49 5.58 39.80
N GLU B 407 9.63 5.24 39.19
CA GLU B 407 10.85 4.93 39.92
C GLU B 407 12.01 5.74 39.37
N ILE B 408 12.99 6.03 40.22
CA ILE B 408 14.25 6.59 39.79
C ILE B 408 15.27 5.48 39.87
N TRP B 409 15.90 5.18 38.74
CA TRP B 409 16.95 4.18 38.67
C TRP B 409 18.29 4.91 38.64
N SER B 410 19.15 4.60 39.60
CA SER B 410 20.51 5.12 39.62
C SER B 410 21.40 4.01 39.09
N ILE B 411 21.99 4.22 37.93
CA ILE B 411 22.81 3.22 37.28
C ILE B 411 24.28 3.59 37.47
N ILE B 412 25.02 2.75 38.18
CA ILE B 412 26.42 3.01 38.50
C ILE B 412 27.30 2.21 37.53
N ASN B 413 28.17 2.91 36.79
CA ASN B 413 29.05 2.26 35.83
C ASN B 413 30.52 2.38 36.24
N PRO B 414 31.06 1.41 36.97
CA PRO B 414 32.48 1.45 37.29
C PRO B 414 33.36 0.69 36.29
N THR B 415 32.85 0.37 35.09
CA THR B 415 33.62 -0.35 34.09
C THR B 415 34.27 0.64 33.14
N ARG B 416 35.01 0.13 32.13
CA ARG B 416 35.88 0.99 31.34
C ARG B 416 35.21 1.64 30.15
N GLY B 417 34.01 1.19 29.76
CA GLY B 417 33.35 1.76 28.60
C GLY B 417 31.90 2.06 28.89
N THR B 418 31.31 2.83 27.98
CA THR B 418 29.88 3.13 28.05
C THR B 418 29.04 1.89 27.81
N HIS B 419 27.93 1.77 28.53
CA HIS B 419 26.94 0.74 28.22
C HIS B 419 25.62 1.38 27.84
N PRO B 420 25.10 1.15 26.63
CA PRO B 420 23.78 1.71 26.27
C PRO B 420 22.66 0.83 26.81
N ILE B 421 22.02 1.28 27.88
CA ILE B 421 21.07 0.45 28.62
C ILE B 421 19.67 0.69 28.05
N HIS B 422 18.97 -0.39 27.76
CA HIS B 422 17.64 -0.33 27.15
C HIS B 422 16.64 -0.95 28.11
N LEU B 423 15.55 -0.22 28.38
CA LEU B 423 14.40 -0.76 29.09
C LEU B 423 13.29 -1.01 28.08
N HIS B 424 12.72 -2.20 28.13
CA HIS B 424 11.58 -2.50 27.28
C HIS B 424 10.33 -1.83 27.82
N LEU B 425 9.30 -1.73 26.97
CA LEU B 425 7.99 -1.16 27.28
C LEU B 425 7.99 0.36 27.44
N VAL B 426 8.80 0.89 28.36
CA VAL B 426 8.69 2.30 28.76
C VAL B 426 9.68 3.17 27.99
N SER B 427 9.42 4.48 27.98
CA SER B 427 10.44 5.49 27.74
C SER B 427 10.57 6.34 29.00
N PHE B 428 11.77 6.85 29.25
CA PHE B 428 12.07 7.44 30.54
C PHE B 428 12.68 8.83 30.34
N ARG B 429 12.81 9.55 31.45
CA ARG B 429 13.42 10.86 31.48
C ARG B 429 14.80 10.72 32.14
N VAL B 430 15.75 11.52 31.69
CA VAL B 430 17.10 11.56 32.26
C VAL B 430 17.14 12.66 33.32
N LEU B 431 17.45 12.31 34.56
CA LEU B 431 17.53 13.31 35.62
C LEU B 431 18.89 14.02 35.61
N ASP B 432 19.96 13.27 35.81
CA ASP B 432 21.30 13.87 35.80
C ASP B 432 22.34 12.78 35.70
N ARG B 433 23.58 13.20 35.43
CA ARG B 433 24.76 12.37 35.51
C ARG B 433 25.72 12.99 36.52
N ARG B 434 26.54 12.14 37.16
CA ARG B 434 27.53 12.64 38.10
C ARG B 434 28.78 11.75 38.15
N PRO B 435 29.95 12.32 37.90
CA PRO B 435 31.18 11.51 37.82
C PRO B 435 31.68 11.06 39.18
N PHE B 436 32.37 9.92 39.19
CA PHE B 436 32.96 9.37 40.40
C PHE B 436 34.31 8.73 40.08
N ASP B 437 35.06 8.45 41.15
CA ASP B 437 36.45 7.96 41.13
C ASP B 437 36.42 6.43 41.07
N ILE B 438 36.68 5.87 39.88
CA ILE B 438 36.60 4.42 39.71
C ILE B 438 37.65 3.71 40.57
N ALA B 439 38.89 4.19 40.53
CA ALA B 439 39.94 3.57 41.35
C ALA B 439 39.53 3.46 42.81
N ARG B 440 39.09 4.58 43.40
CA ARG B 440 38.62 4.53 44.79
C ARG B 440 37.47 3.52 44.93
N TYR B 441 36.57 3.47 43.95
CA TYR B 441 35.45 2.55 44.03
C TYR B 441 35.92 1.09 43.95
N GLN B 442 36.93 0.82 43.13
CA GLN B 442 37.35 -0.58 42.98
C GLN B 442 37.98 -1.09 44.27
N GLU B 443 38.73 -0.25 44.97
CA GLU B 443 39.35 -0.72 46.21
C GLU B 443 38.34 -0.84 47.34
N SER B 444 37.55 0.21 47.61
CA SER B 444 36.76 0.29 48.83
C SER B 444 35.27 0.02 48.66
N GLY B 445 34.74 0.04 47.43
CA GLY B 445 33.30 0.02 47.26
C GLY B 445 32.61 1.34 47.52
N GLU B 446 33.34 2.41 47.77
CA GLU B 446 32.75 3.70 48.05
C GLU B 446 32.64 4.54 46.79
N LEU B 447 31.48 5.19 46.63
CA LEU B 447 31.29 6.19 45.59
C LEU B 447 31.80 7.54 46.10
N SER B 448 32.87 8.06 45.48
CA SER B 448 33.43 9.37 45.77
C SER B 448 33.30 10.24 44.53
N TYR B 449 32.40 11.22 44.58
CA TYR B 449 32.12 12.00 43.38
C TYR B 449 33.22 13.01 43.12
N THR B 450 33.48 13.26 41.84
CA THR B 450 34.59 14.12 41.44
C THR B 450 34.09 15.43 40.86
N GLY B 451 32.78 15.67 40.93
CA GLY B 451 32.18 16.88 40.42
C GLY B 451 30.70 16.92 40.77
N PRO B 452 30.05 18.04 40.45
CA PRO B 452 28.62 18.15 40.73
C PRO B 452 27.82 17.30 39.75
N ALA B 453 26.60 16.96 40.16
CA ALA B 453 25.66 16.38 39.22
C ALA B 453 25.43 17.36 38.07
N VAL B 454 25.28 16.81 36.87
CA VAL B 454 25.05 17.64 35.67
C VAL B 454 23.70 17.22 35.06
N PRO B 455 22.92 18.16 34.50
CA PRO B 455 21.65 17.79 33.88
C PRO B 455 21.89 17.19 32.50
N PRO B 456 20.88 16.56 31.92
CA PRO B 456 21.02 16.06 30.54
C PRO B 456 21.23 17.21 29.58
N PRO B 457 22.06 17.01 28.57
CA PRO B 457 22.13 17.97 27.48
C PRO B 457 20.79 18.06 26.77
N PRO B 458 20.55 19.14 26.03
CA PRO B 458 19.23 19.31 25.37
C PRO B 458 18.78 18.10 24.58
N SER B 459 19.72 17.35 23.99
CA SER B 459 19.41 16.11 23.28
C SER B 459 18.62 15.12 24.13
N GLU B 460 18.81 15.16 25.45
CA GLU B 460 18.25 14.16 26.36
C GLU B 460 17.29 14.78 27.35
N LYS B 461 16.71 15.93 27.01
CA LYS B 461 15.65 16.51 27.82
C LYS B 461 14.27 15.99 27.41
N GLY B 462 14.19 15.12 26.41
CA GLY B 462 12.97 14.48 25.96
C GLY B 462 12.82 13.09 26.54
N TRP B 463 12.32 12.16 25.72
CA TRP B 463 12.06 10.80 26.15
C TRP B 463 13.08 9.87 25.51
N LYS B 464 13.65 8.96 26.30
CA LYS B 464 14.63 8.00 25.81
C LYS B 464 14.21 6.59 26.20
N ASP B 465 14.67 5.60 25.44
CA ASP B 465 14.53 4.21 25.89
C ASP B 465 15.82 3.42 25.87
N THR B 466 16.87 3.94 25.24
CA THR B 466 18.22 3.38 25.26
C THR B 466 19.16 4.52 25.59
N ILE B 467 19.86 4.43 26.73
CA ILE B 467 20.57 5.57 27.33
C ILE B 467 22.03 5.19 27.59
N GLN B 468 22.96 6.07 27.21
CA GLN B 468 24.38 5.81 27.42
C GLN B 468 24.72 6.02 28.89
N ALA B 469 25.11 4.95 29.57
CA ALA B 469 25.70 5.02 30.91
C ALA B 469 27.22 5.04 30.74
N HIS B 470 27.81 6.22 30.77
CA HIS B 470 29.24 6.40 30.55
C HIS B 470 30.05 5.86 31.72
N ALA B 471 31.31 5.57 31.43
CA ALA B 471 32.22 5.03 32.43
C ALA B 471 32.54 6.07 33.51
N GLY B 472 32.56 5.63 34.77
CA GLY B 472 32.89 6.53 35.86
C GLY B 472 31.81 7.54 36.18
N GLU B 473 30.55 7.18 35.95
CA GLU B 473 29.44 8.09 36.18
C GLU B 473 28.30 7.29 36.79
N VAL B 474 27.51 7.97 37.62
CA VAL B 474 26.21 7.48 38.04
C VAL B 474 25.17 8.21 37.20
N LEU B 475 24.33 7.44 36.50
CA LEU B 475 23.25 7.98 35.69
C LEU B 475 21.94 7.76 36.42
N ARG B 476 21.08 8.77 36.42
CA ARG B 476 19.77 8.68 37.05
C ARG B 476 18.72 8.95 35.98
N ILE B 477 17.78 8.00 35.84
CA ILE B 477 16.66 8.12 34.92
C ILE B 477 15.39 7.94 35.74
N ALA B 478 14.29 8.45 35.22
CA ALA B 478 12.99 8.33 35.87
C ALA B 478 12.00 7.73 34.88
N ALA B 479 11.39 6.60 35.25
CA ALA B 479 10.45 5.89 34.40
C ALA B 479 9.19 5.49 35.16
N THR B 480 8.04 5.65 34.50
CA THR B 480 6.75 5.18 34.96
C THR B 480 6.44 3.85 34.27
N PHE B 481 6.19 2.82 35.07
CA PHE B 481 6.20 1.46 34.56
C PHE B 481 4.78 1.03 34.19
N GLY B 482 4.42 1.31 32.93
CA GLY B 482 3.14 0.95 32.37
C GLY B 482 3.08 1.33 30.91
N PRO B 483 1.88 1.31 30.34
CA PRO B 483 0.58 1.00 30.99
C PRO B 483 0.35 -0.50 31.20
N TYR B 484 1.09 -1.41 30.55
CA TYR B 484 0.84 -2.82 30.71
C TYR B 484 1.65 -3.39 31.87
N SER B 485 1.16 -4.47 32.44
CA SER B 485 1.94 -5.32 33.32
C SER B 485 2.36 -6.59 32.58
N GLY B 486 3.28 -7.34 33.20
CA GLY B 486 3.74 -8.58 32.63
C GLY B 486 5.25 -8.69 32.68
N ARG B 487 5.79 -9.62 31.91
CA ARG B 487 7.20 -9.97 31.96
C ARG B 487 7.93 -9.35 30.78
N TYR B 488 8.93 -8.53 31.07
CA TYR B 488 9.73 -7.83 30.07
C TYR B 488 11.20 -8.06 30.40
N VAL B 489 12.08 -7.23 29.83
CA VAL B 489 13.52 -7.34 30.05
C VAL B 489 14.15 -5.96 30.06
N TRP B 490 15.34 -5.87 30.65
CA TRP B 490 16.21 -4.72 30.46
C TRP B 490 17.63 -5.24 30.28
N HIS B 491 18.45 -4.51 29.52
CA HIS B 491 19.73 -5.07 29.12
C HIS B 491 20.59 -3.99 28.48
N CYS B 492 21.88 -4.27 28.42
CA CYS B 492 22.77 -3.51 27.57
C CYS B 492 22.50 -3.85 26.10
N HIS B 493 22.68 -2.87 25.21
CA HIS B 493 22.42 -3.10 23.80
C HIS B 493 23.69 -3.20 22.97
N ILE B 494 24.84 -3.30 23.59
CA ILE B 494 25.97 -3.95 22.92
C ILE B 494 25.65 -5.45 22.89
N LEU B 495 25.36 -5.97 21.69
CA LEU B 495 24.81 -7.32 21.62
C LEU B 495 25.79 -8.37 22.14
N GLU B 496 27.09 -8.13 21.95
CA GLU B 496 28.09 -9.03 22.54
C GLU B 496 28.01 -9.05 24.06
N HIS B 497 27.58 -7.93 24.68
CA HIS B 497 27.36 -7.92 26.13
C HIS B 497 26.02 -8.57 26.48
N GLU B 498 24.96 -8.18 25.75
CA GLU B 498 23.63 -8.72 26.00
C GLU B 498 23.61 -10.25 25.99
N ASP B 499 24.33 -10.88 25.04
CA ASP B 499 24.32 -12.34 24.97
C ASP B 499 25.15 -13.00 26.08
N TYR B 500 26.02 -12.26 26.77
CA TYR B 500 26.84 -12.90 27.80
C TYR B 500 27.34 -11.89 28.83
N ASP B 501 26.53 -11.55 29.82
CA ASP B 501 25.18 -12.04 30.06
C ASP B 501 24.39 -10.86 30.61
N MET B 502 24.46 -9.74 29.91
CA MET B 502 24.05 -8.44 30.44
C MET B 502 22.57 -8.15 30.13
N MET B 503 21.71 -9.03 30.62
CA MET B 503 20.28 -8.97 30.38
C MET B 503 19.55 -9.60 31.56
N ARG B 504 18.48 -8.95 32.01
CA ARG B 504 17.70 -9.45 33.13
C ARG B 504 16.22 -9.32 32.84
N PRO B 505 15.40 -10.24 33.35
CA PRO B 505 13.95 -10.05 33.30
C PRO B 505 13.53 -8.84 34.12
N MET B 506 12.37 -8.29 33.76
CA MET B 506 11.79 -7.13 34.43
C MET B 506 10.29 -7.40 34.54
N ASP B 507 9.79 -7.63 35.75
CA ASP B 507 8.38 -7.94 35.99
C ASP B 507 7.67 -6.66 36.43
N ILE B 508 6.77 -6.18 35.59
CA ILE B 508 5.85 -5.12 35.99
C ILE B 508 4.64 -5.81 36.61
N THR B 509 4.49 -5.67 37.92
CA THR B 509 3.55 -6.46 38.69
C THR B 509 2.22 -5.74 38.84
N ASP B 510 1.17 -6.54 39.01
CA ASP B 510 -0.19 -6.06 39.20
C ASP B 510 -0.88 -6.87 40.30
N PRO B 511 -1.36 -6.21 41.36
CA PRO B 511 -2.17 -6.85 42.42
C PRO B 511 -3.67 -6.68 42.19
#